data_5A0T
#
_entry.id   5A0T
#
_cell.length_a   186.187
_cell.length_b   186.187
_cell.length_c   113.382
_cell.angle_alpha   90.00
_cell.angle_beta   90.00
_cell.angle_gamma   90.00
#
_symmetry.space_group_name_H-M   'P 43 2 2'
#
loop_
_entity.id
_entity.type
_entity.pdbx_description
1 polymer 'RIBONUCLEASE J'
2 polymer "5'-R(*CP*GP*CP*CP*UP)-3'"
3 non-polymer DI(HYDROXYETHYL)ETHER
4 non-polymer 'ZINC ION'
5 water water
#
loop_
_entity_poly.entity_id
_entity_poly.type
_entity_poly.pdbx_seq_one_letter_code
_entity_poly.pdbx_strand_id
1 'polypeptide(L)'
;MSHPHPELGRPPALPKGGLRVTPLGGLGEIGRNMTVFEYGGRLLIVDCGVLFPEEEQPGIDLILPDFTSIRDRLDDIEGI
VLTHGHEDHIGGVPFLLREKPDIPLIGSKLTLALIEAKLQEHRIRPYTLEVAEGHRERVGPFDCEFVAVNHSIPDALAVA
IRTPAGMVVHTGDFKMDQLPLDGRLTDLHAFARLSEEGIDLLLADSTNAEVPGFVPPERDISNVLRQVFANARKRIIVAS
FASHVHRIQQILDAAHEYGRRVAFVGRSMVRNMGIARDLGYLKVPPGLVVDVKTLDDLPDSEVVLVCTGSQGEPMAALSR
MANRDHQIRIVNGDTVILASSLIPGNENAVYRVINGLTRWGANVVHKGNAKVHVSGHASAGELLYFYNICRPKNLMPVHG
EWRHLRANAELGALTGVPHDRIVIAEDGVVVDLVEGKAKITGKVQAGYVYVDGLSVGDVGEPALKDRKILGDEGIISVFV
VMDSSTGKITGGPHVQARGSGIEDSAFAAVLPKVTEALERSAQDGVVEPHQMQQLIRRTLGKWVSDTYRRRPMILPVVVE
V
;
A,B
2 'polyribonucleotide' CGCCUC E,F
#
# COMPACT_ATOMS: atom_id res chain seq x y z
N SER A 2 -8.51 -17.84 20.68
CA SER A 2 -7.34 -16.97 20.78
C SER A 2 -7.75 -15.49 20.83
N HIS A 3 -9.02 -15.25 20.54
CA HIS A 3 -9.58 -13.91 20.65
C HIS A 3 -10.55 -13.85 21.83
N PRO A 4 -10.78 -12.64 22.38
CA PRO A 4 -11.71 -12.45 23.50
C PRO A 4 -13.11 -13.01 23.23
N HIS A 5 -13.71 -13.63 24.24
CA HIS A 5 -15.02 -14.27 24.11
C HIS A 5 -16.06 -13.27 23.62
N PRO A 6 -16.86 -13.66 22.62
CA PRO A 6 -17.86 -12.80 21.96
C PRO A 6 -18.78 -12.10 22.95
N GLU A 7 -19.27 -12.83 23.95
CA GLU A 7 -20.04 -12.17 25.01
C GLU A 7 -19.31 -12.26 26.34
N LEU A 8 -18.32 -11.40 26.51
CA LEU A 8 -17.85 -11.05 27.83
C LEU A 8 -18.87 -10.09 28.40
N GLY A 9 -19.18 -10.24 29.69
CA GLY A 9 -20.06 -9.28 30.34
C GLY A 9 -19.25 -8.12 30.88
N ARG A 10 -19.89 -7.26 31.64
CA ARG A 10 -19.15 -6.25 32.39
C ARG A 10 -18.27 -6.97 33.40
N PRO A 11 -17.11 -6.41 33.72
CA PRO A 11 -16.20 -7.06 34.67
C PRO A 11 -16.76 -7.07 36.07
N PRO A 12 -16.33 -8.02 36.90
CA PRO A 12 -16.76 -8.07 38.29
C PRO A 12 -16.03 -7.01 39.10
N ALA A 13 -16.33 -6.93 40.39
CA ALA A 13 -15.58 -6.06 41.28
C ALA A 13 -14.10 -6.37 41.19
N LEU A 14 -13.26 -5.34 41.17
CA LEU A 14 -11.82 -5.54 41.17
C LEU A 14 -11.37 -5.93 42.57
N PRO A 15 -10.84 -7.14 42.72
CA PRO A 15 -10.38 -7.63 44.02
C PRO A 15 -9.36 -6.70 44.66
N LYS A 16 -9.44 -6.60 45.98
CA LYS A 16 -8.52 -5.81 46.78
C LYS A 16 -7.09 -6.22 46.48
N GLY A 17 -6.24 -5.24 46.18
CA GLY A 17 -4.84 -5.50 45.98
C GLY A 17 -4.52 -5.84 44.55
N GLY A 18 -5.54 -5.80 43.69
CA GLY A 18 -5.38 -6.11 42.27
C GLY A 18 -5.31 -4.86 41.40
N LEU A 19 -4.80 -5.02 40.19
CA LEU A 19 -4.77 -3.90 39.25
C LEU A 19 -5.59 -4.19 38.00
N ARG A 20 -6.31 -3.18 37.53
CA ARG A 20 -7.18 -3.37 36.36
C ARG A 20 -6.63 -2.54 35.22
N VAL A 21 -6.52 -3.17 34.05
CA VAL A 21 -5.95 -2.57 32.84
C VAL A 21 -6.96 -2.65 31.72
N THR A 22 -7.31 -1.50 31.15
CA THR A 22 -8.35 -1.44 30.13
C THR A 22 -7.91 -0.59 28.96
N PRO A 23 -7.49 -1.22 27.85
CA PRO A 23 -7.27 -0.45 26.63
C PRO A 23 -8.60 0.05 26.07
N LEU A 24 -8.70 1.35 25.82
CA LEU A 24 -9.90 1.95 25.26
C LEU A 24 -9.61 2.25 23.81
N GLY A 25 -8.34 2.29 23.46
CA GLY A 25 -8.00 2.50 22.08
C GLY A 25 -6.61 2.04 21.71
N GLY A 26 -6.45 1.68 20.43
CA GLY A 26 -5.17 1.33 19.87
C GLY A 26 -4.98 -0.16 19.55
N LEU A 27 -6.02 -0.95 19.76
CA LEU A 27 -5.93 -2.39 19.56
C LEU A 27 -6.93 -2.85 18.51
N GLY A 28 -6.44 -3.54 17.48
CA GLY A 28 -7.27 -4.00 16.38
C GLY A 28 -7.27 -2.96 15.28
N GLU A 29 -6.87 -1.76 15.66
CA GLU A 29 -6.75 -0.64 14.74
C GLU A 29 -5.78 0.34 15.35
N ILE A 30 -4.74 0.66 14.58
CA ILE A 30 -3.70 1.56 15.03
C ILE A 30 -4.20 3.00 15.11
N GLY A 31 -4.07 3.60 16.29
CA GLY A 31 -4.56 4.96 16.53
C GLY A 31 -5.43 5.08 17.77
N ARG A 32 -5.85 6.31 18.07
CA ARG A 32 -6.56 6.69 19.29
C ARG A 32 -6.13 5.86 20.51
N ASN A 33 -4.82 5.80 20.72
CA ASN A 33 -4.26 5.01 21.81
C ASN A 33 -4.69 5.56 23.16
N MET A 34 -5.20 4.68 24.00
CA MET A 34 -5.60 5.07 25.33
C MET A 34 -5.72 3.83 26.19
N THR A 35 -5.03 3.85 27.34
CA THR A 35 -5.10 2.74 28.30
C THR A 35 -5.39 3.25 29.72
N VAL A 36 -6.42 2.69 30.32
CA VAL A 36 -6.84 3.05 31.67
C VAL A 36 -6.32 2.02 32.68
N PHE A 37 -5.65 2.51 33.71
CA PHE A 37 -5.20 1.67 34.84
C PHE A 37 -6.00 1.99 36.09
N GLU A 38 -6.55 0.97 36.74
CA GLU A 38 -7.33 1.17 37.98
C GLU A 38 -6.68 0.43 39.13
N TYR A 39 -6.45 1.15 40.23
CA TYR A 39 -6.07 0.54 41.50
C TYR A 39 -6.79 1.24 42.66
N GLY A 40 -7.45 0.45 43.50
CA GLY A 40 -8.07 0.95 44.71
C GLY A 40 -9.03 2.09 44.45
N GLY A 41 -9.85 1.94 43.42
CA GLY A 41 -10.82 2.97 43.04
C GLY A 41 -10.26 4.19 42.33
N ARG A 42 -8.94 4.27 42.17
CA ARG A 42 -8.33 5.41 41.47
C ARG A 42 -7.86 5.04 40.06
N LEU A 43 -7.89 6.02 39.16
CA LEU A 43 -7.52 5.80 37.75
C LEU A 43 -6.27 6.58 37.33
N LEU A 44 -5.44 5.92 36.52
CA LEU A 44 -4.34 6.57 35.83
C LEU A 44 -4.54 6.34 34.33
N ILE A 45 -4.47 7.39 33.53
CA ILE A 45 -4.61 7.20 32.10
C ILE A 45 -3.25 7.32 31.42
N VAL A 46 -2.95 6.34 30.57
CA VAL A 46 -1.75 6.44 29.73
C VAL A 46 -2.12 6.64 28.27
N ASP A 47 -1.79 7.84 27.79
CA ASP A 47 -2.08 8.35 26.44
C ASP A 47 -3.58 8.54 26.17
N CYS A 48 -3.87 9.46 25.26
CA CYS A 48 -5.25 9.69 24.82
C CYS A 48 -5.21 10.29 23.43
N GLY A 49 -5.18 9.44 22.41
CA GLY A 49 -4.95 9.89 21.04
C GLY A 49 -6.19 9.98 20.19
N VAL A 50 -6.03 10.44 18.95
CA VAL A 50 -7.10 10.37 17.97
C VAL A 50 -6.78 9.31 16.90
N LEU A 51 -7.82 8.90 16.19
CA LEU A 51 -7.71 7.98 15.07
C LEU A 51 -8.28 8.67 13.83
N PHE A 52 -7.57 8.55 12.72
CA PHE A 52 -8.01 9.15 11.46
C PHE A 52 -8.86 8.18 10.64
N PRO A 53 -9.99 8.66 10.10
CA PRO A 53 -10.95 7.81 9.39
C PRO A 53 -10.48 7.34 8.02
N GLU A 54 -11.03 6.21 7.57
CA GLU A 54 -10.76 5.66 6.24
C GLU A 54 -11.55 6.35 5.13
N GLU A 55 -11.10 7.55 4.76
CA GLU A 55 -11.63 8.33 3.62
C GLU A 55 -12.99 8.99 3.88
N GLU A 56 -13.45 8.88 5.12
CA GLU A 56 -14.75 9.41 5.55
C GLU A 56 -14.99 10.89 5.27
N GLN A 57 -16.07 11.21 4.53
CA GLN A 57 -16.37 12.57 4.06
C GLN A 57 -17.09 13.35 5.21
N PRO A 58 -17.59 14.59 4.95
CA PRO A 58 -18.30 15.43 5.93
C PRO A 58 -19.06 14.77 7.09
N GLY A 59 -19.03 15.44 8.25
CA GLY A 59 -19.64 14.93 9.47
C GLY A 59 -18.63 14.19 10.34
N ILE A 60 -17.46 13.94 9.77
CA ILE A 60 -16.45 13.13 10.42
C ILE A 60 -15.03 13.60 10.13
N ASP A 61 -14.40 14.17 11.15
CA ASP A 61 -13.04 14.67 11.08
C ASP A 61 -12.11 13.82 11.95
N LEU A 62 -12.34 13.81 13.26
CA LEU A 62 -11.52 12.98 14.13
C LEU A 62 -12.31 11.86 14.78
N ILE A 63 -11.64 10.74 15.06
CA ILE A 63 -12.25 9.67 15.82
C ILE A 63 -11.55 9.52 17.18
N LEU A 64 -12.33 9.43 18.25
CA LEU A 64 -11.84 9.43 19.62
C LEU A 64 -11.98 8.08 20.30
N PRO A 65 -11.26 7.87 21.43
CA PRO A 65 -11.67 6.74 22.26
C PRO A 65 -13.06 7.01 22.86
N ASP A 66 -13.79 5.98 23.23
CA ASP A 66 -15.07 6.14 23.92
C ASP A 66 -14.84 6.32 25.42
N PHE A 67 -15.16 7.50 25.94
CA PHE A 67 -14.94 7.81 27.36
C PHE A 67 -16.06 7.33 28.29
N THR A 68 -17.03 6.61 27.74
CA THR A 68 -18.21 6.22 28.51
C THR A 68 -17.88 5.52 29.83
N SER A 69 -16.87 4.66 29.84
CA SER A 69 -16.52 3.89 31.04
C SER A 69 -15.79 4.69 32.14
N ILE A 70 -15.33 5.89 31.82
CA ILE A 70 -14.70 6.76 32.83
C ILE A 70 -15.50 8.04 33.14
N ARG A 71 -16.46 8.35 32.27
CA ARG A 71 -17.18 9.61 32.31
C ARG A 71 -17.90 9.87 33.64
N ASP A 72 -18.40 8.82 34.27
CA ASP A 72 -19.12 8.97 35.53
C ASP A 72 -18.17 8.82 36.70
N ARG A 73 -16.87 8.75 36.43
CA ARG A 73 -15.91 8.71 37.52
C ARG A 73 -14.66 9.48 37.14
N LEU A 74 -14.87 10.59 36.43
CA LEU A 74 -13.81 11.55 36.12
C LEU A 74 -13.03 12.04 37.33
N ASP A 75 -13.69 12.13 38.49
CA ASP A 75 -13.02 12.55 39.72
C ASP A 75 -12.01 11.52 40.24
N ASP A 76 -12.06 10.30 39.72
CA ASP A 76 -11.14 9.26 40.16
C ASP A 76 -9.80 9.35 39.45
N ILE A 77 -9.73 10.14 38.37
CA ILE A 77 -8.50 10.20 37.58
C ILE A 77 -7.40 11.03 38.24
N GLU A 78 -6.31 10.37 38.58
CA GLU A 78 -5.13 10.97 39.19
C GLU A 78 -4.23 11.69 38.19
N GLY A 79 -4.37 11.39 36.90
CA GLY A 79 -3.49 11.97 35.90
C GLY A 79 -3.51 11.27 34.56
N ILE A 80 -3.04 11.99 33.55
CA ILE A 80 -2.86 11.47 32.20
C ILE A 80 -1.37 11.51 31.87
N VAL A 81 -0.75 10.34 31.77
CA VAL A 81 0.64 10.21 31.34
C VAL A 81 0.72 10.17 29.80
N LEU A 82 1.55 11.03 29.22
CA LEU A 82 1.71 11.12 27.78
C LEU A 82 3.12 10.68 27.42
N THR A 83 3.23 9.50 26.82
CA THR A 83 4.53 8.91 26.50
C THR A 83 5.34 9.71 25.48
N HIS A 84 4.68 10.35 24.52
CA HIS A 84 5.39 11.16 23.50
C HIS A 84 4.38 12.02 22.73
N GLY A 85 4.88 13.00 21.99
CA GLY A 85 4.01 14.00 21.38
C GLY A 85 3.29 13.73 20.06
N HIS A 86 3.16 12.47 19.64
CA HIS A 86 2.41 12.17 18.41
C HIS A 86 0.89 12.22 18.57
N GLU A 87 0.21 12.64 17.48
CA GLU A 87 -1.24 12.90 17.54
C GLU A 87 -2.07 11.69 17.93
N ASP A 88 -1.61 10.48 17.60
CA ASP A 88 -2.37 9.29 17.94
C ASP A 88 -2.11 8.88 19.40
N HIS A 89 -1.39 9.73 20.13
CA HIS A 89 -1.25 9.58 21.58
C HIS A 89 -1.69 10.79 22.40
N ILE A 90 -1.80 11.98 21.79
CA ILE A 90 -2.18 13.19 22.53
C ILE A 90 -3.38 13.94 21.94
N GLY A 91 -3.79 13.56 20.73
CA GLY A 91 -4.85 14.27 20.06
C GLY A 91 -6.19 14.27 20.77
N GLY A 92 -6.42 13.26 21.61
CA GLY A 92 -7.70 13.15 22.30
C GLY A 92 -7.78 13.97 23.58
N VAL A 93 -6.62 14.39 24.08
CA VAL A 93 -6.52 15.11 25.34
C VAL A 93 -7.44 16.37 25.45
N PRO A 94 -7.53 17.22 24.40
CA PRO A 94 -8.42 18.38 24.57
C PRO A 94 -9.87 17.98 24.81
N PHE A 95 -10.27 16.85 24.25
CA PHE A 95 -11.66 16.41 24.37
C PHE A 95 -11.93 15.74 25.71
N LEU A 96 -10.89 15.19 26.33
CA LEU A 96 -11.01 14.66 27.68
C LEU A 96 -10.99 15.79 28.71
N LEU A 97 -10.06 16.73 28.56
CA LEU A 97 -9.95 17.86 29.50
C LEU A 97 -11.18 18.77 29.44
N ARG A 98 -11.84 18.79 28.30
CA ARG A 98 -13.07 19.53 28.15
C ARG A 98 -14.13 19.09 29.18
N GLU A 99 -14.10 17.82 29.59
CA GLU A 99 -15.04 17.30 30.57
C GLU A 99 -14.56 17.47 32.02
N LYS A 100 -13.25 17.47 32.21
CA LYS A 100 -12.64 17.79 33.50
C LYS A 100 -11.27 18.45 33.31
N PRO A 101 -11.24 19.79 33.27
CA PRO A 101 -10.07 20.60 32.89
C PRO A 101 -8.85 20.50 33.80
N ASP A 102 -9.00 20.07 35.05
CA ASP A 102 -7.88 20.12 36.00
C ASP A 102 -7.15 18.78 36.18
N ILE A 103 -7.41 17.81 35.31
CA ILE A 103 -6.61 16.59 35.30
C ILE A 103 -5.19 16.90 34.86
N PRO A 104 -4.20 16.62 35.72
CA PRO A 104 -2.80 16.91 35.44
C PRO A 104 -2.25 16.11 34.25
N LEU A 105 -1.51 16.77 33.37
CA LEU A 105 -0.79 16.11 32.28
C LEU A 105 0.63 15.83 32.71
N ILE A 106 1.08 14.60 32.50
CA ILE A 106 2.42 14.20 32.90
C ILE A 106 3.23 13.74 31.68
N GLY A 107 4.36 14.40 31.43
CA GLY A 107 5.14 14.07 30.24
C GLY A 107 6.47 14.80 30.17
N SER A 108 7.25 14.47 29.14
CA SER A 108 8.54 15.13 28.89
C SER A 108 8.35 16.57 28.43
N LYS A 109 9.44 17.33 28.45
CA LYS A 109 9.41 18.72 28.01
C LYS A 109 8.81 18.90 26.61
N LEU A 110 9.31 18.14 25.62
CA LEU A 110 8.81 18.33 24.26
C LEU A 110 7.34 17.91 24.15
N THR A 111 7.01 16.81 24.81
CA THR A 111 5.64 16.31 24.74
C THR A 111 4.66 17.35 25.26
N LEU A 112 5.01 17.94 26.40
CA LEU A 112 4.17 18.96 27.02
C LEU A 112 4.10 20.23 26.19
N ALA A 113 5.22 20.65 25.58
CA ALA A 113 5.17 21.82 24.70
C ALA A 113 4.21 21.59 23.52
N LEU A 114 4.23 20.39 22.94
CA LEU A 114 3.33 20.12 21.83
C LEU A 114 1.86 20.06 22.25
N ILE A 115 1.57 19.41 23.38
CA ILE A 115 0.16 19.30 23.79
C ILE A 115 -0.33 20.68 24.28
N GLU A 116 0.54 21.48 24.89
CA GLU A 116 0.12 22.81 25.33
C GLU A 116 -0.16 23.69 24.12
N ALA A 117 0.67 23.57 23.09
CA ALA A 117 0.42 24.32 21.85
C ALA A 117 -0.97 23.98 21.32
N LYS A 118 -1.26 22.68 21.22
CA LYS A 118 -2.58 22.26 20.75
C LYS A 118 -3.73 22.74 21.66
N LEU A 119 -3.53 22.70 22.97
CA LEU A 119 -4.58 23.05 23.91
C LEU A 119 -4.90 24.54 23.88
N GLN A 120 -3.89 25.35 23.58
CA GLN A 120 -4.05 26.80 23.57
C GLN A 120 -5.11 27.21 22.55
N GLU A 121 -5.18 26.47 21.45
CA GLU A 121 -6.23 26.65 20.45
C GLU A 121 -7.62 26.34 21.00
N HIS A 122 -7.71 25.42 21.96
CA HIS A 122 -8.98 25.10 22.60
C HIS A 122 -9.26 26.00 23.81
N ARG A 123 -8.39 26.99 24.00
CA ARG A 123 -8.49 27.92 25.12
C ARG A 123 -8.40 27.18 26.46
N ILE A 124 -7.55 26.18 26.53
CA ILE A 124 -7.41 25.38 27.73
C ILE A 124 -5.98 25.46 28.26
N ARG A 125 -5.85 25.77 29.53
CA ARG A 125 -4.52 25.77 30.14
C ARG A 125 -4.46 24.66 31.20
N PRO A 126 -3.72 23.60 30.89
CA PRO A 126 -3.70 22.41 31.75
C PRO A 126 -2.74 22.56 32.93
N TYR A 127 -3.02 21.82 33.99
CA TYR A 127 -2.01 21.56 35.01
C TYR A 127 -1.07 20.50 34.45
N THR A 128 0.23 20.66 34.69
CA THR A 128 1.22 19.76 34.09
C THR A 128 2.28 19.41 35.10
N LEU A 129 2.86 18.23 34.91
CA LEU A 129 4.03 17.81 35.65
C LEU A 129 5.08 17.36 34.64
N GLU A 130 6.14 18.14 34.52
CA GLU A 130 7.19 17.83 33.58
C GLU A 130 8.14 16.80 34.18
N VAL A 131 8.30 15.69 33.48
CA VAL A 131 9.17 14.62 33.94
C VAL A 131 10.24 14.35 32.90
N ALA A 132 11.30 13.70 33.34
CA ALA A 132 12.38 13.28 32.46
C ALA A 132 12.78 11.86 32.84
N GLU A 133 13.60 11.21 32.01
CA GLU A 133 14.06 9.85 32.30
C GLU A 133 14.71 9.82 33.67
N GLY A 134 14.48 8.75 34.42
CA GLY A 134 15.00 8.67 35.77
C GLY A 134 14.10 9.24 36.86
N HIS A 135 13.16 10.10 36.51
CA HIS A 135 12.28 10.68 37.51
C HIS A 135 11.27 9.64 37.99
N ARG A 136 11.07 9.63 39.30
CA ARG A 136 10.10 8.76 39.93
C ARG A 136 9.18 9.61 40.77
N GLU A 137 7.88 9.47 40.53
CA GLU A 137 6.88 10.34 41.11
C GLU A 137 5.65 9.54 41.48
N ARG A 138 5.04 9.87 42.61
CA ARG A 138 3.83 9.21 43.05
C ARG A 138 2.58 10.02 42.65
N VAL A 139 1.68 9.35 41.94
CA VAL A 139 0.44 9.93 41.44
C VAL A 139 -0.70 9.14 42.05
N GLY A 140 -1.24 9.64 43.16
CA GLY A 140 -2.18 8.84 43.96
C GLY A 140 -1.49 7.56 44.38
N PRO A 141 -2.14 6.41 44.15
CA PRO A 141 -1.52 5.12 44.50
C PRO A 141 -0.50 4.64 43.46
N PHE A 142 -0.39 5.35 42.33
CA PHE A 142 0.46 4.88 41.23
C PHE A 142 1.87 5.43 41.36
N ASP A 143 2.82 4.57 41.70
CA ASP A 143 4.23 5.00 41.75
C ASP A 143 4.85 4.87 40.35
N CYS A 144 5.09 6.00 39.69
CA CYS A 144 5.55 6.03 38.29
C CYS A 144 7.03 6.36 38.10
N GLU A 145 7.75 5.49 37.40
CA GLU A 145 9.14 5.75 37.06
C GLU A 145 9.31 5.85 35.54
N PHE A 146 10.02 6.87 35.08
CA PHE A 146 10.10 7.14 33.66
C PHE A 146 11.44 6.74 33.06
N VAL A 147 11.37 6.13 31.88
CA VAL A 147 12.51 5.51 31.22
C VAL A 147 12.64 6.05 29.79
N ALA A 148 13.85 6.42 29.39
CA ALA A 148 14.07 6.92 28.03
C ALA A 148 13.81 5.86 26.96
N VAL A 149 13.07 6.24 25.92
CA VAL A 149 12.99 5.38 24.74
C VAL A 149 13.23 6.21 23.49
N ASN A 150 14.05 5.66 22.60
CA ASN A 150 14.29 6.23 21.27
C ASN A 150 13.07 5.91 20.40
N HIS A 151 12.69 6.85 19.54
CA HIS A 151 11.49 6.72 18.70
C HIS A 151 11.64 7.72 17.51
N SER A 152 10.60 7.94 16.72
CA SER A 152 10.66 8.88 15.59
C SER A 152 10.32 10.32 15.97
N ILE A 153 10.18 10.58 17.26
CA ILE A 153 10.09 11.96 17.78
C ILE A 153 10.98 11.97 19.03
N PRO A 154 11.69 13.08 19.29
CA PRO A 154 12.54 13.08 20.48
C PRO A 154 11.74 13.11 21.78
N ASP A 155 12.40 12.76 22.88
CA ASP A 155 11.86 12.93 24.24
C ASP A 155 10.72 11.98 24.57
N ALA A 156 10.68 10.83 23.89
CA ALA A 156 9.66 9.84 24.18
C ALA A 156 10.05 9.09 25.46
N LEU A 157 9.04 8.61 26.18
CA LEU A 157 9.25 7.91 27.44
C LEU A 157 8.43 6.64 27.53
N ALA A 158 8.99 5.64 28.20
CA ALA A 158 8.21 4.52 28.71
C ALA A 158 7.97 4.76 30.21
N VAL A 159 7.00 4.06 30.79
CA VAL A 159 6.74 4.21 32.21
C VAL A 159 6.55 2.88 32.93
N ALA A 160 7.16 2.77 34.11
CA ALA A 160 6.92 1.67 35.04
C ALA A 160 6.01 2.13 36.18
N ILE A 161 4.89 1.44 36.33
CA ILE A 161 3.88 1.76 37.32
C ILE A 161 3.88 0.69 38.40
N ARG A 162 4.39 1.06 39.56
CA ARG A 162 4.40 0.21 40.74
C ARG A 162 3.18 0.47 41.61
N THR A 163 2.45 -0.61 41.91
CA THR A 163 1.39 -0.61 42.92
C THR A 163 1.58 -1.87 43.76
N PRO A 164 0.77 -2.04 44.83
CA PRO A 164 0.83 -3.32 45.54
C PRO A 164 0.47 -4.54 44.68
N ALA A 165 -0.18 -4.33 43.54
CA ALA A 165 -0.47 -5.43 42.63
C ALA A 165 0.79 -5.87 41.87
N GLY A 166 1.84 -5.06 41.94
CA GLY A 166 3.07 -5.38 41.26
C GLY A 166 3.53 -4.24 40.37
N MET A 167 4.40 -4.56 39.41
CA MET A 167 4.92 -3.55 38.50
C MET A 167 4.45 -3.79 37.07
N VAL A 168 3.86 -2.76 36.48
CA VAL A 168 3.44 -2.78 35.10
C VAL A 168 4.35 -1.88 34.29
N VAL A 169 4.88 -2.38 33.17
CA VAL A 169 5.67 -1.52 32.28
C VAL A 169 4.93 -1.29 30.95
N HIS A 170 4.80 -0.02 30.61
CA HIS A 170 4.19 0.43 29.37
C HIS A 170 5.28 1.08 28.54
N THR A 171 5.56 0.53 27.36
CA THR A 171 6.70 0.98 26.54
C THR A 171 6.44 2.29 25.79
N GLY A 172 5.18 2.67 25.67
CA GLY A 172 4.80 3.66 24.67
C GLY A 172 5.22 3.13 23.30
N ASP A 173 5.51 4.05 22.38
CA ASP A 173 6.10 3.68 21.11
C ASP A 173 7.61 3.73 21.24
N PHE A 174 8.29 2.73 20.72
CA PHE A 174 9.73 2.70 20.86
C PHE A 174 10.38 1.87 19.77
N LYS A 175 11.65 2.16 19.52
CA LYS A 175 12.52 1.24 18.81
C LYS A 175 13.84 1.31 19.56
N MET A 176 14.91 0.79 18.97
CA MET A 176 16.21 0.74 19.64
C MET A 176 17.37 1.11 18.73
N ASP A 177 17.33 2.33 18.21
CA ASP A 177 18.45 2.85 17.43
C ASP A 177 19.69 2.91 18.30
N GLN A 178 20.75 2.25 17.88
CA GLN A 178 22.00 2.24 18.62
C GLN A 178 22.90 3.46 18.33
N LEU A 179 22.59 4.23 17.28
CA LEU A 179 23.34 5.46 17.01
C LEU A 179 22.42 6.69 16.85
N PRO A 180 21.58 6.96 17.85
CA PRO A 180 20.61 8.06 17.69
C PRO A 180 21.30 9.43 17.58
N LEU A 181 20.71 10.33 16.81
CA LEU A 181 21.29 11.65 16.54
C LEU A 181 21.54 12.47 17.80
N ASP A 182 20.65 12.35 18.79
CA ASP A 182 20.82 13.07 20.05
C ASP A 182 21.52 12.23 21.11
N GLY A 183 21.94 11.03 20.74
CA GLY A 183 22.66 10.18 21.68
C GLY A 183 21.78 9.58 22.77
N ARG A 184 20.46 9.73 22.62
CA ARG A 184 19.54 9.32 23.65
C ARG A 184 19.00 7.91 23.36
N LEU A 185 19.60 6.92 23.99
CA LEU A 185 19.27 5.53 23.74
C LEU A 185 18.00 5.08 24.45
N THR A 186 17.31 4.11 23.86
CA THR A 186 16.39 3.33 24.67
C THR A 186 17.19 2.71 25.82
N ASP A 187 16.76 2.99 27.05
CA ASP A 187 17.59 2.70 28.21
C ASP A 187 17.50 1.24 28.68
N LEU A 188 18.33 0.38 28.10
CA LEU A 188 18.31 -1.05 28.41
C LEU A 188 18.87 -1.36 29.81
N HIS A 189 19.74 -0.51 30.33
CA HIS A 189 20.18 -0.64 31.72
C HIS A 189 18.99 -0.55 32.70
N ALA A 190 18.10 0.40 32.43
CA ALA A 190 16.92 0.61 33.26
C ALA A 190 15.97 -0.57 33.14
N PHE A 191 15.74 -1.04 31.92
CA PHE A 191 14.84 -2.17 31.73
C PHE A 191 15.44 -3.44 32.37
N ALA A 192 16.76 -3.58 32.33
CA ALA A 192 17.42 -4.73 32.96
C ALA A 192 17.20 -4.71 34.49
N ARG A 193 17.41 -3.54 35.09
CA ARG A 193 17.22 -3.35 36.53
C ARG A 193 15.76 -3.66 36.92
N LEU A 194 14.83 -3.10 36.15
CA LEU A 194 13.42 -3.34 36.39
C LEU A 194 13.08 -4.83 36.30
N SER A 195 13.69 -5.51 35.32
CA SER A 195 13.42 -6.92 35.13
C SER A 195 13.92 -7.72 36.33
N GLU A 196 15.01 -7.27 36.94
CA GLU A 196 15.55 -7.99 38.10
C GLU A 196 14.70 -7.73 39.33
N GLU A 197 14.07 -6.57 39.40
CA GLU A 197 13.06 -6.35 40.43
C GLU A 197 11.83 -7.22 40.14
N GLY A 198 11.48 -7.35 38.87
CA GLY A 198 10.34 -8.14 38.48
C GLY A 198 9.30 -7.33 37.74
N ILE A 199 9.23 -7.52 36.42
CA ILE A 199 8.19 -6.91 35.61
C ILE A 199 7.02 -7.89 35.52
N ASP A 200 5.93 -7.57 36.21
CA ASP A 200 4.79 -8.49 36.29
C ASP A 200 3.91 -8.46 35.05
N LEU A 201 3.78 -7.28 34.46
CA LEU A 201 3.02 -7.12 33.23
C LEU A 201 3.71 -6.10 32.31
N LEU A 202 3.91 -6.50 31.06
CA LEU A 202 4.52 -5.60 30.08
C LEU A 202 3.56 -5.35 28.92
N LEU A 203 3.31 -4.09 28.62
CA LEU A 203 2.48 -3.71 27.48
C LEU A 203 3.43 -3.17 26.44
N ALA A 204 3.52 -3.84 25.29
CA ALA A 204 4.56 -3.45 24.31
C ALA A 204 4.07 -3.16 22.89
N ASP A 205 4.63 -2.09 22.32
CA ASP A 205 4.40 -1.64 20.95
C ASP A 205 4.51 -2.79 19.92
N SER A 206 3.43 -3.07 19.18
CA SER A 206 3.41 -4.20 18.25
C SER A 206 3.55 -3.80 16.76
N THR A 207 3.61 -2.50 16.48
CA THR A 207 3.51 -1.98 15.12
C THR A 207 4.34 -2.75 14.08
N ASN A 208 5.59 -3.03 14.42
CA ASN A 208 6.56 -3.60 13.48
C ASN A 208 6.93 -5.03 13.78
N ALA A 209 6.11 -5.70 14.59
CA ALA A 209 6.43 -7.06 15.05
C ALA A 209 6.44 -8.12 13.96
N GLU A 210 5.83 -7.83 12.79
CA GLU A 210 5.88 -8.79 11.67
C GLU A 210 7.12 -8.62 10.79
N VAL A 211 7.84 -7.52 10.97
CA VAL A 211 9.02 -7.23 10.17
C VAL A 211 10.24 -7.90 10.78
N PRO A 212 10.84 -8.84 10.03
CA PRO A 212 11.99 -9.58 10.60
C PRO A 212 13.23 -8.71 10.63
N GLY A 213 14.19 -9.08 11.46
CA GLY A 213 15.45 -8.35 11.53
C GLY A 213 15.35 -7.06 12.33
N PHE A 214 16.14 -6.06 11.92
CA PHE A 214 16.39 -4.87 12.73
C PHE A 214 16.10 -3.62 11.91
N VAL A 215 15.71 -2.53 12.57
CA VAL A 215 15.54 -1.25 11.89
C VAL A 215 16.92 -0.64 11.58
N PRO A 216 17.13 -0.18 10.34
CA PRO A 216 18.42 0.48 10.04
C PRO A 216 18.48 1.78 10.81
N PRO A 217 19.68 2.17 11.24
CA PRO A 217 19.77 3.43 11.99
C PRO A 217 19.38 4.64 11.12
N GLU A 218 18.66 5.56 11.75
CA GLU A 218 18.23 6.84 11.21
C GLU A 218 19.35 7.58 10.45
N ARG A 219 20.57 7.50 10.96
CA ARG A 219 21.67 8.30 10.46
C ARG A 219 22.07 7.84 9.06
N ASP A 220 21.71 6.60 8.71
CA ASP A 220 22.01 6.09 7.36
C ASP A 220 21.28 6.90 6.28
N ILE A 221 20.13 7.46 6.66
CA ILE A 221 19.37 8.29 5.74
C ILE A 221 20.25 9.47 5.24
N SER A 222 21.19 9.93 6.05
CA SER A 222 22.05 11.04 5.66
C SER A 222 22.76 10.73 4.35
N ASN A 223 23.29 9.51 4.21
CA ASN A 223 24.04 9.19 2.99
C ASN A 223 23.14 9.36 1.77
N VAL A 224 21.90 8.93 1.87
CA VAL A 224 21.02 9.01 0.72
C VAL A 224 20.70 10.45 0.43
N LEU A 225 20.47 11.23 1.49
CA LEU A 225 20.11 12.63 1.28
C LEU A 225 21.29 13.31 0.63
N ARG A 226 22.50 12.96 1.04
CA ARG A 226 23.64 13.70 0.52
C ARG A 226 23.76 13.39 -0.96
N GLN A 227 23.53 12.12 -1.34
CA GLN A 227 23.63 11.78 -2.75
C GLN A 227 22.64 12.60 -3.53
N VAL A 228 21.41 12.67 -3.00
CA VAL A 228 20.36 13.35 -3.75
C VAL A 228 20.75 14.81 -3.86
N PHE A 229 21.23 15.37 -2.76
CA PHE A 229 21.55 16.80 -2.77
C PHE A 229 22.72 17.02 -3.71
N ALA A 230 23.64 16.06 -3.74
CA ALA A 230 24.87 16.25 -4.49
C ALA A 230 24.51 16.31 -5.95
N ASN A 231 23.41 15.67 -6.32
CA ASN A 231 23.14 15.54 -7.74
C ASN A 231 21.93 16.36 -8.22
N ALA A 232 21.38 17.18 -7.33
CA ALA A 232 20.24 18.02 -7.68
C ALA A 232 20.71 19.37 -8.20
N ARG A 233 20.30 19.71 -9.41
CA ARG A 233 20.82 20.89 -10.08
C ARG A 233 19.90 22.10 -9.91
N LYS A 234 18.66 21.85 -9.49
CA LYS A 234 17.72 22.93 -9.23
C LYS A 234 17.16 22.88 -7.80
N ARG A 235 15.91 23.30 -7.60
CA ARG A 235 15.34 23.36 -6.26
C ARG A 235 15.17 21.98 -5.67
N ILE A 236 15.27 21.89 -4.34
CA ILE A 236 14.90 20.67 -3.64
C ILE A 236 13.72 20.97 -2.72
N ILE A 237 12.74 20.08 -2.75
CA ILE A 237 11.56 20.14 -1.89
C ILE A 237 11.45 18.82 -1.14
N VAL A 238 11.36 18.90 0.18
CA VAL A 238 11.36 17.72 1.03
C VAL A 238 10.14 17.73 1.94
N ALA A 239 9.36 16.66 1.91
CA ALA A 239 8.18 16.55 2.73
C ALA A 239 8.44 15.51 3.79
N SER A 240 7.97 15.82 5.00
CA SER A 240 8.13 14.98 6.17
C SER A 240 6.99 15.29 7.11
N PHE A 241 6.71 14.38 8.05
CA PHE A 241 5.85 14.67 9.18
C PHE A 241 6.44 15.83 9.96
N ALA A 242 5.58 16.77 10.38
CA ALA A 242 6.03 17.98 11.09
C ALA A 242 6.65 17.71 12.46
N SER A 243 6.53 16.48 12.95
CA SER A 243 7.11 16.09 14.24
C SER A 243 8.44 15.37 14.15
N HIS A 244 8.90 15.03 12.95
CA HIS A 244 10.11 14.21 12.88
C HIS A 244 11.38 15.06 12.89
N VAL A 245 11.75 15.48 14.09
CA VAL A 245 12.86 16.40 14.29
C VAL A 245 14.19 15.90 13.76
N HIS A 246 14.47 14.62 13.96
CA HIS A 246 15.77 14.08 13.58
C HIS A 246 15.94 13.94 12.06
N ARG A 247 14.84 13.59 11.39
CA ARG A 247 14.80 13.55 9.93
C ARG A 247 15.08 14.94 9.36
N ILE A 248 14.37 15.93 9.91
CA ILE A 248 14.53 17.31 9.47
C ILE A 248 15.94 17.81 9.76
N GLN A 249 16.48 17.41 10.92
CA GLN A 249 17.87 17.70 11.26
C GLN A 249 18.80 17.26 10.13
N GLN A 250 18.61 16.03 9.65
CA GLN A 250 19.47 15.50 8.59
C GLN A 250 19.30 16.28 7.29
N ILE A 251 18.09 16.76 7.05
CA ILE A 251 17.83 17.62 5.91
C ILE A 251 18.59 18.95 6.00
N LEU A 252 18.56 19.58 7.17
CA LEU A 252 19.31 20.83 7.37
C LEU A 252 20.82 20.59 7.23
N ASP A 253 21.33 19.48 7.78
CA ASP A 253 22.77 19.21 7.69
C ASP A 253 23.17 19.09 6.21
N ALA A 254 22.38 18.35 5.43
CA ALA A 254 22.66 18.20 4.01
C ALA A 254 22.63 19.55 3.28
N ALA A 255 21.62 20.37 3.58
CA ALA A 255 21.49 21.68 2.94
C ALA A 255 22.70 22.57 3.24
N HIS A 256 23.12 22.52 4.50
CA HIS A 256 24.26 23.29 4.97
C HIS A 256 25.51 22.85 4.22
N GLU A 257 25.70 21.54 4.13
CA GLU A 257 26.86 20.97 3.46
C GLU A 257 26.94 21.37 2.00
N TYR A 258 25.80 21.49 1.35
CA TYR A 258 25.80 21.76 -0.07
C TYR A 258 25.46 23.21 -0.40
N GLY A 259 25.64 24.11 0.56
CA GLY A 259 25.48 25.53 0.31
C GLY A 259 24.08 25.99 -0.05
N ARG A 260 23.06 25.31 0.48
CA ARG A 260 21.67 25.72 0.22
C ARG A 260 21.08 26.37 1.46
N ARG A 261 20.03 27.16 1.27
CA ARG A 261 19.28 27.72 2.41
C ARG A 261 17.93 27.03 2.51
N VAL A 262 17.34 27.05 3.70
CA VAL A 262 16.11 26.30 3.95
C VAL A 262 14.95 27.16 4.43
N ALA A 263 13.80 26.98 3.80
CA ALA A 263 12.58 27.56 4.30
C ALA A 263 11.59 26.47 4.69
N PHE A 264 10.90 26.70 5.80
CA PHE A 264 9.84 25.79 6.24
C PHE A 264 8.51 26.29 5.68
N VAL A 265 7.67 25.35 5.28
CA VAL A 265 6.44 25.65 4.55
C VAL A 265 5.29 24.81 5.12
N GLY A 266 4.19 25.47 5.46
CA GLY A 266 3.04 24.78 6.00
C GLY A 266 2.92 24.95 7.49
N ARG A 267 1.70 25.24 7.93
CA ARG A 267 1.42 25.63 9.32
C ARG A 267 2.06 24.71 10.37
N SER A 268 1.76 23.41 10.28
CA SER A 268 2.28 22.43 11.22
C SER A 268 3.81 22.44 11.29
N MET A 269 4.46 22.49 10.12
CA MET A 269 5.93 22.45 10.05
C MET A 269 6.58 23.68 10.67
N VAL A 270 6.09 24.86 10.29
CA VAL A 270 6.57 26.11 10.87
C VAL A 270 6.41 26.09 12.39
N ARG A 271 5.22 25.70 12.84
CA ARG A 271 4.95 25.63 14.28
C ARG A 271 5.89 24.65 15.02
N ASN A 272 5.87 23.38 14.64
CA ASN A 272 6.69 22.38 15.36
C ASN A 272 8.19 22.64 15.28
N MET A 273 8.69 23.07 14.12
CA MET A 273 10.13 23.31 14.00
C MET A 273 10.48 24.55 14.81
N GLY A 274 9.55 25.49 14.86
CA GLY A 274 9.68 26.62 15.76
C GLY A 274 9.92 26.14 17.18
N ILE A 275 9.01 25.30 17.67
CA ILE A 275 9.19 24.77 19.03
C ILE A 275 10.49 23.96 19.21
N ALA A 276 10.79 23.03 18.31
CA ALA A 276 12.00 22.19 18.42
C ALA A 276 13.27 23.03 18.48
N ARG A 277 13.34 24.04 17.63
CA ARG A 277 14.52 24.89 17.60
C ARG A 277 14.58 25.75 18.85
N ASP A 278 13.43 26.32 19.21
CA ASP A 278 13.32 27.17 20.41
C ASP A 278 13.79 26.40 21.65
N LEU A 279 13.44 25.12 21.76
CA LEU A 279 13.80 24.34 22.95
C LEU A 279 15.11 23.57 22.79
N GLY A 280 15.76 23.65 21.63
CA GLY A 280 17.06 23.00 21.49
C GLY A 280 17.12 21.56 20.98
N TYR A 281 16.00 21.00 20.54
CA TYR A 281 15.98 19.63 20.00
C TYR A 281 16.48 19.61 18.56
N LEU A 282 16.17 20.69 17.85
CA LEU A 282 16.65 20.93 16.50
C LEU A 282 17.82 21.92 16.50
N LYS A 283 18.99 21.47 16.03
CA LYS A 283 20.18 22.32 16.00
C LYS A 283 20.33 22.99 14.63
N VAL A 284 20.24 24.32 14.62
CA VAL A 284 20.26 25.09 13.39
C VAL A 284 21.45 26.04 13.36
N PRO A 285 22.34 25.87 12.39
CA PRO A 285 23.47 26.81 12.23
C PRO A 285 22.99 28.17 11.75
N PRO A 286 23.66 29.25 12.16
CA PRO A 286 23.29 30.60 11.73
C PRO A 286 23.31 30.75 10.21
N GLY A 287 22.30 31.41 9.65
CA GLY A 287 22.29 31.69 8.23
C GLY A 287 21.59 30.65 7.35
N LEU A 288 21.17 29.55 7.96
CA LEU A 288 20.67 28.44 7.16
C LEU A 288 19.20 28.60 6.85
N VAL A 289 18.40 28.85 7.89
CA VAL A 289 16.97 28.91 7.73
C VAL A 289 16.54 30.34 7.40
N VAL A 290 15.72 30.46 6.36
CA VAL A 290 15.20 31.76 5.94
C VAL A 290 13.70 31.69 5.73
N ASP A 291 13.10 32.85 5.51
CA ASP A 291 11.68 32.93 5.22
C ASP A 291 11.44 32.58 3.76
N VAL A 292 10.33 31.89 3.51
CA VAL A 292 10.03 31.36 2.20
C VAL A 292 9.93 32.48 1.17
N LYS A 293 9.50 33.66 1.62
CA LYS A 293 9.32 34.81 0.74
C LYS A 293 10.62 35.25 0.07
N THR A 294 11.75 34.96 0.70
CA THR A 294 13.05 35.35 0.12
C THR A 294 13.55 34.34 -0.93
N LEU A 295 12.95 33.15 -1.01
CA LEU A 295 13.50 32.11 -1.88
C LEU A 295 13.45 32.52 -3.36
N ASP A 296 12.49 33.38 -3.70
CA ASP A 296 12.36 33.92 -5.06
C ASP A 296 13.60 34.64 -5.51
N ASP A 297 14.33 35.21 -4.57
CA ASP A 297 15.48 36.01 -4.94
C ASP A 297 16.74 35.17 -5.05
N LEU A 298 16.61 33.90 -4.69
CA LEU A 298 17.74 32.96 -4.72
C LEU A 298 17.76 32.13 -5.99
N PRO A 299 18.96 31.76 -6.44
CA PRO A 299 19.04 30.77 -7.52
C PRO A 299 18.43 29.46 -7.06
N ASP A 300 17.73 28.77 -7.96
CA ASP A 300 17.12 27.47 -7.68
C ASP A 300 18.06 26.49 -6.98
N SER A 301 19.34 26.52 -7.38
CA SER A 301 20.29 25.55 -6.86
C SER A 301 20.73 25.85 -5.43
N GLU A 302 20.24 26.94 -4.86
CA GLU A 302 20.54 27.28 -3.46
C GLU A 302 19.33 27.11 -2.55
N VAL A 303 18.26 26.52 -3.09
CA VAL A 303 16.98 26.45 -2.39
C VAL A 303 16.57 25.04 -1.91
N VAL A 304 16.19 24.95 -0.63
CA VAL A 304 15.46 23.81 -0.07
C VAL A 304 14.19 24.27 0.63
N LEU A 305 13.07 23.67 0.25
CA LEU A 305 11.81 23.87 0.94
C LEU A 305 11.50 22.63 1.77
N VAL A 306 11.24 22.81 3.06
CA VAL A 306 10.85 21.67 3.90
C VAL A 306 9.38 21.84 4.23
N CYS A 307 8.59 20.90 3.77
CA CYS A 307 7.17 21.11 3.76
C CYS A 307 6.39 19.93 4.28
N THR A 308 5.12 20.19 4.31
CA THR A 308 4.15 19.33 4.92
C THR A 308 3.45 18.52 3.80
N GLY A 309 2.79 17.41 4.16
CA GLY A 309 1.97 16.68 3.21
C GLY A 309 2.50 15.37 2.64
N SER A 310 3.34 14.68 3.41
CA SER A 310 3.92 13.43 2.94
C SER A 310 2.88 12.29 2.80
N GLN A 311 1.68 12.46 3.37
CA GLN A 311 0.66 11.41 3.27
C GLN A 311 -0.39 11.76 2.24
N GLY A 312 -0.15 12.80 1.46
CA GLY A 312 -1.10 13.23 0.44
C GLY A 312 -2.34 13.95 0.95
N GLU A 313 -2.34 14.32 2.23
CA GLU A 313 -3.37 15.20 2.81
C GLU A 313 -3.68 16.34 1.83
N PRO A 314 -4.91 16.41 1.33
CA PRO A 314 -5.23 17.30 0.21
C PRO A 314 -5.09 18.81 0.52
N MET A 315 -5.08 19.21 1.78
CA MET A 315 -4.92 20.63 2.10
C MET A 315 -3.46 20.99 2.39
N ALA A 316 -2.63 19.97 2.55
CA ALA A 316 -1.22 20.18 2.85
C ALA A 316 -0.46 20.69 1.63
N ALA A 317 0.76 21.19 1.86
CA ALA A 317 1.52 21.86 0.81
C ALA A 317 1.83 21.00 -0.41
N LEU A 318 2.29 19.78 -0.19
CA LEU A 318 2.72 18.95 -1.31
C LEU A 318 1.58 18.66 -2.30
N SER A 319 0.40 18.32 -1.79
CA SER A 319 -0.75 18.05 -2.66
C SER A 319 -1.18 19.29 -3.45
N ARG A 320 -1.17 20.46 -2.83
CA ARG A 320 -1.54 21.69 -3.53
C ARG A 320 -0.50 22.02 -4.60
N MET A 321 0.78 21.76 -4.32
CA MET A 321 1.80 21.97 -5.35
C MET A 321 1.57 21.00 -6.52
N ALA A 322 1.22 19.75 -6.20
CA ALA A 322 0.98 18.74 -7.24
C ALA A 322 -0.24 19.07 -8.08
N ASN A 323 -1.21 19.76 -7.49
CA ASN A 323 -2.43 20.17 -8.21
C ASN A 323 -2.44 21.63 -8.63
N ARG A 324 -1.26 22.22 -8.81
CA ARG A 324 -1.14 23.60 -9.29
C ARG A 324 -2.00 24.60 -8.52
N ASP A 325 -1.97 24.50 -7.20
CA ASP A 325 -2.85 25.28 -6.34
C ASP A 325 -2.06 25.81 -5.13
N HIS A 326 -0.83 26.22 -5.39
CA HIS A 326 0.06 26.66 -4.33
C HIS A 326 0.94 27.80 -4.83
N GLN A 327 1.41 28.64 -3.90
CA GLN A 327 2.35 29.70 -4.22
C GLN A 327 3.59 29.14 -4.91
N ILE A 328 4.01 27.96 -4.46
CA ILE A 328 5.14 27.26 -5.06
C ILE A 328 4.70 26.48 -6.30
N ARG A 329 5.29 26.81 -7.43
CA ARG A 329 4.92 26.18 -8.69
C ARG A 329 6.00 25.18 -9.11
N ILE A 330 5.62 23.91 -9.15
CA ILE A 330 6.55 22.87 -9.57
C ILE A 330 6.95 23.07 -11.03
N VAL A 331 8.24 23.00 -11.30
CA VAL A 331 8.74 23.08 -12.67
C VAL A 331 9.60 21.89 -13.01
N ASN A 332 9.83 21.71 -14.31
CA ASN A 332 10.71 20.67 -14.80
C ASN A 332 12.08 20.82 -14.16
N GLY A 333 12.62 19.72 -13.62
CA GLY A 333 13.91 19.80 -12.96
C GLY A 333 13.87 19.91 -11.44
N ASP A 334 12.72 20.30 -10.87
CA ASP A 334 12.57 20.25 -9.40
C ASP A 334 12.85 18.84 -8.89
N THR A 335 13.47 18.75 -7.72
CA THR A 335 13.63 17.48 -7.02
C THR A 335 12.74 17.47 -5.79
N VAL A 336 11.92 16.44 -5.64
CA VAL A 336 11.00 16.33 -4.51
C VAL A 336 11.28 15.03 -3.80
N ILE A 337 11.51 15.11 -2.48
CA ILE A 337 11.81 13.96 -1.65
C ILE A 337 10.72 13.76 -0.61
N LEU A 338 10.05 12.63 -0.66
CA LEU A 338 9.10 12.26 0.39
C LEU A 338 9.87 11.48 1.43
N ALA A 339 10.39 12.16 2.45
CA ALA A 339 11.27 11.50 3.41
C ALA A 339 10.42 10.95 4.53
N SER A 340 9.62 9.95 4.20
CA SER A 340 8.51 9.58 5.05
C SER A 340 8.07 8.15 4.82
N SER A 341 7.24 7.65 5.72
CA SER A 341 6.57 6.38 5.45
C SER A 341 5.41 6.60 4.51
N LEU A 342 4.91 5.50 3.98
CA LEU A 342 3.62 5.51 3.32
C LEU A 342 2.69 4.69 4.21
N ILE A 343 1.92 5.37 5.03
CA ILE A 343 1.02 4.69 5.97
C ILE A 343 -0.09 3.95 5.22
N PRO A 344 -0.19 2.63 5.47
CA PRO A 344 -1.15 1.74 4.79
C PRO A 344 -2.53 2.38 4.71
N GLY A 345 -3.07 2.55 3.50
CA GLY A 345 -4.34 3.23 3.35
C GLY A 345 -4.24 4.61 2.74
N ASN A 346 -3.04 5.21 2.74
CA ASN A 346 -2.87 6.52 2.13
C ASN A 346 -2.30 6.39 0.74
N GLU A 347 -2.17 5.13 0.32
CA GLU A 347 -1.57 4.80 -0.96
C GLU A 347 -2.15 5.62 -2.12
N ASN A 348 -3.47 5.71 -2.20
CA ASN A 348 -4.09 6.41 -3.33
C ASN A 348 -3.78 7.90 -3.31
N ALA A 349 -3.85 8.52 -2.14
CA ALA A 349 -3.56 9.93 -2.00
C ALA A 349 -2.09 10.21 -2.32
N VAL A 350 -1.20 9.42 -1.73
CA VAL A 350 0.23 9.59 -1.94
C VAL A 350 0.61 9.39 -3.40
N TYR A 351 0.15 8.31 -4.02
CA TYR A 351 0.47 8.08 -5.43
C TYR A 351 -0.15 9.15 -6.34
N ARG A 352 -1.31 9.67 -5.96
CA ARG A 352 -1.90 10.77 -6.71
C ARG A 352 -0.94 11.98 -6.68
N VAL A 353 -0.40 12.28 -5.50
CA VAL A 353 0.58 13.37 -5.39
C VAL A 353 1.85 13.10 -6.20
N ILE A 354 2.40 11.89 -6.06
CA ILE A 354 3.61 11.51 -6.78
C ILE A 354 3.39 11.62 -8.30
N ASN A 355 2.24 11.17 -8.77
CA ASN A 355 1.92 11.24 -10.19
C ASN A 355 1.75 12.68 -10.66
N GLY A 356 1.11 13.51 -9.83
CA GLY A 356 0.96 14.91 -10.16
C GLY A 356 2.31 15.58 -10.33
N LEU A 357 3.16 15.42 -9.32
CA LEU A 357 4.51 15.98 -9.33
C LEU A 357 5.30 15.49 -10.54
N THR A 358 5.15 14.21 -10.85
CA THR A 358 5.87 13.62 -11.98
C THR A 358 5.40 14.25 -13.28
N ARG A 359 4.09 14.44 -13.38
CA ARG A 359 3.52 15.09 -14.56
C ARG A 359 4.12 16.47 -14.82
N TRP A 360 4.36 17.26 -13.77
CA TRP A 360 4.89 18.62 -13.96
C TRP A 360 6.40 18.62 -14.15
N GLY A 361 7.00 17.42 -14.15
CA GLY A 361 8.41 17.30 -14.46
C GLY A 361 9.36 17.15 -13.28
N ALA A 362 8.84 16.94 -12.08
CA ALA A 362 9.72 16.76 -10.94
C ALA A 362 10.35 15.36 -10.94
N ASN A 363 11.56 15.28 -10.41
CA ASN A 363 12.18 14.01 -10.04
C ASN A 363 11.75 13.69 -8.62
N VAL A 364 11.02 12.59 -8.44
CA VAL A 364 10.48 12.28 -7.13
C VAL A 364 11.19 11.09 -6.48
N VAL A 365 11.78 11.35 -5.33
CA VAL A 365 12.51 10.39 -4.52
C VAL A 365 11.62 10.01 -3.36
N HIS A 366 11.45 8.72 -3.13
CA HIS A 366 10.59 8.28 -2.03
C HIS A 366 11.01 6.89 -1.61
N LYS A 367 10.38 6.36 -0.57
CA LYS A 367 10.87 5.11 0.06
C LYS A 367 10.77 3.93 -0.91
N GLY A 368 9.95 4.07 -1.94
CA GLY A 368 9.84 3.08 -2.99
C GLY A 368 11.03 3.00 -3.94
N ASN A 369 11.81 4.08 -4.04
CA ASN A 369 13.00 4.04 -4.91
C ASN A 369 14.30 4.47 -4.26
N ALA A 370 14.25 4.78 -2.97
CA ALA A 370 15.45 5.16 -2.20
C ALA A 370 15.24 5.00 -0.70
N LYS A 371 16.32 4.78 0.04
CA LYS A 371 16.20 4.59 1.48
C LYS A 371 16.20 5.93 2.22
N VAL A 372 15.07 6.62 2.14
CA VAL A 372 14.91 7.93 2.79
C VAL A 372 14.00 7.88 4.02
N HIS A 373 13.68 6.67 4.48
CA HIS A 373 12.85 6.50 5.65
C HIS A 373 13.17 5.21 6.39
N VAL A 374 13.25 5.28 7.72
CA VAL A 374 13.25 4.06 8.54
C VAL A 374 12.12 4.14 9.55
N SER A 375 11.54 2.99 9.89
CA SER A 375 10.42 2.91 10.82
C SER A 375 10.77 3.53 12.17
N GLY A 376 9.78 4.07 12.87
CA GLY A 376 10.00 4.52 14.25
C GLY A 376 9.73 3.43 15.31
N HIS A 377 9.38 2.21 14.89
CA HIS A 377 8.99 1.16 15.84
C HIS A 377 9.88 -0.08 15.77
N ALA A 378 10.10 -0.73 16.91
CA ALA A 378 10.89 -1.95 16.99
C ALA A 378 10.38 -3.07 16.09
N SER A 379 11.34 -3.69 15.42
CA SER A 379 11.10 -4.84 14.56
C SER A 379 11.23 -6.13 15.36
N ALA A 380 11.00 -7.27 14.72
CA ALA A 380 11.00 -8.56 15.42
C ALA A 380 12.32 -8.82 16.14
N GLY A 381 13.45 -8.51 15.48
CA GLY A 381 14.77 -8.67 16.09
C GLY A 381 14.98 -7.90 17.40
N GLU A 382 14.58 -6.63 17.35
CA GLU A 382 14.62 -5.76 18.51
C GLU A 382 13.69 -6.25 19.60
N LEU A 383 12.50 -6.69 19.20
CA LEU A 383 11.53 -7.12 20.19
C LEU A 383 12.08 -8.34 20.92
N LEU A 384 12.81 -9.20 20.20
CA LEU A 384 13.41 -10.36 20.87
C LEU A 384 14.49 -9.91 21.85
N TYR A 385 15.35 -8.97 21.44
CA TYR A 385 16.32 -8.40 22.39
C TYR A 385 15.63 -7.90 23.65
N PHE A 386 14.55 -7.16 23.43
CA PHE A 386 13.88 -6.40 24.47
C PHE A 386 13.18 -7.34 25.46
N TYR A 387 12.53 -8.38 24.95
CA TYR A 387 11.90 -9.37 25.79
C TYR A 387 12.93 -10.20 26.54
N ASN A 388 14.06 -10.50 25.90
CA ASN A 388 15.12 -11.20 26.60
C ASN A 388 15.69 -10.34 27.75
N ILE A 389 15.57 -9.01 27.63
CA ILE A 389 16.02 -8.16 28.72
C ILE A 389 14.94 -8.04 29.81
N CYS A 390 13.70 -7.78 29.40
CA CYS A 390 12.61 -7.51 30.33
C CYS A 390 12.10 -8.75 31.10
N ARG A 391 12.08 -9.90 30.45
CA ARG A 391 11.53 -11.14 31.03
C ARG A 391 10.21 -10.90 31.75
N PRO A 392 9.20 -10.41 31.04
CA PRO A 392 7.97 -10.05 31.77
C PRO A 392 7.27 -11.31 32.25
N LYS A 393 6.55 -11.23 33.37
CA LYS A 393 5.84 -12.42 33.84
C LYS A 393 4.51 -12.56 33.11
N ASN A 394 4.01 -11.44 32.60
CA ASN A 394 2.83 -11.44 31.73
C ASN A 394 3.09 -10.47 30.60
N LEU A 395 2.50 -10.72 29.44
CA LEU A 395 2.70 -9.83 28.29
C LEU A 395 1.38 -9.50 27.62
N MET A 396 1.15 -8.20 27.42
CA MET A 396 0.04 -7.64 26.61
C MET A 396 0.58 -6.81 25.44
N PRO A 397 0.55 -7.39 24.24
CA PRO A 397 0.88 -6.61 23.04
C PRO A 397 -0.10 -5.46 22.88
N VAL A 398 0.37 -4.27 22.58
CA VAL A 398 -0.57 -3.17 22.35
C VAL A 398 -0.21 -2.49 21.04
N HIS A 399 -1.00 -1.48 20.64
CA HIS A 399 -0.64 -0.62 19.52
C HIS A 399 -0.45 -1.44 18.23
N GLY A 400 -1.53 -2.03 17.74
CA GLY A 400 -1.45 -2.87 16.55
C GLY A 400 -2.79 -3.41 16.12
N GLU A 401 -2.86 -3.73 14.84
CA GLU A 401 -3.97 -4.52 14.30
C GLU A 401 -3.75 -5.95 14.77
N TRP A 402 -4.71 -6.82 14.49
CA TRP A 402 -4.62 -8.20 14.95
C TRP A 402 -3.38 -8.96 14.45
N ARG A 403 -2.97 -8.75 13.20
CA ARG A 403 -1.79 -9.46 12.68
C ARG A 403 -0.53 -9.04 13.47
N HIS A 404 -0.45 -7.75 13.77
CA HIS A 404 0.62 -7.19 14.61
C HIS A 404 0.62 -7.80 16.01
N LEU A 405 -0.54 -7.78 16.69
CA LEU A 405 -0.64 -8.27 18.06
C LEU A 405 -0.27 -9.75 18.15
N ARG A 406 -0.81 -10.54 17.23
CA ARG A 406 -0.49 -11.96 17.19
C ARG A 406 1.01 -12.19 16.96
N ALA A 407 1.61 -11.46 16.01
CA ALA A 407 3.04 -11.68 15.77
C ALA A 407 3.86 -11.32 17.02
N ASN A 408 3.47 -10.22 17.67
CA ASN A 408 4.18 -9.79 18.88
C ASN A 408 4.09 -10.85 19.98
N ALA A 409 2.89 -11.38 20.17
CA ALA A 409 2.68 -12.45 21.13
C ALA A 409 3.55 -13.66 20.83
N GLU A 410 3.68 -14.02 19.56
CA GLU A 410 4.54 -15.14 19.21
C GLU A 410 6.01 -14.85 19.58
N LEU A 411 6.48 -13.63 19.34
CA LEU A 411 7.85 -13.29 19.75
C LEU A 411 8.04 -13.47 21.26
N GLY A 412 7.06 -12.95 22.01
CA GLY A 412 7.08 -13.11 23.46
C GLY A 412 7.20 -14.57 23.85
N ALA A 413 6.37 -15.40 23.23
CA ALA A 413 6.39 -16.83 23.50
C ALA A 413 7.76 -17.43 23.17
N LEU A 414 8.37 -17.05 22.05
CA LEU A 414 9.68 -17.57 21.70
C LEU A 414 10.70 -17.27 22.78
N THR A 415 10.62 -16.12 23.46
CA THR A 415 11.63 -15.87 24.51
C THR A 415 11.36 -16.54 25.86
N GLY A 416 10.26 -17.26 25.97
CA GLY A 416 9.98 -18.03 27.18
C GLY A 416 8.84 -17.52 28.05
N VAL A 417 8.09 -16.54 27.56
CA VAL A 417 6.86 -16.13 28.23
C VAL A 417 5.82 -17.21 28.01
N PRO A 418 5.33 -17.81 29.11
CA PRO A 418 4.36 -18.92 28.98
C PRO A 418 3.09 -18.48 28.25
N HIS A 419 2.55 -19.35 27.39
CA HIS A 419 1.42 -18.99 26.52
C HIS A 419 0.17 -18.53 27.27
N ASP A 420 0.00 -19.04 28.49
CA ASP A 420 -1.14 -18.70 29.33
C ASP A 420 -0.95 -17.35 30.03
N ARG A 421 0.21 -16.73 29.84
CA ARG A 421 0.50 -15.43 30.43
C ARG A 421 0.62 -14.36 29.37
N ILE A 422 0.15 -14.66 28.17
CA ILE A 422 0.17 -13.68 27.09
C ILE A 422 -1.25 -13.34 26.73
N VAL A 423 -1.65 -12.08 26.86
CA VAL A 423 -3.04 -11.82 26.55
C VAL A 423 -3.18 -10.81 25.44
N ILE A 424 -4.00 -11.19 24.47
CA ILE A 424 -4.34 -10.35 23.36
C ILE A 424 -5.72 -9.77 23.62
N ALA A 425 -5.74 -8.48 23.87
CA ALA A 425 -6.98 -7.79 24.15
C ALA A 425 -7.42 -7.05 22.90
N GLU A 426 -8.64 -6.54 22.93
CA GLU A 426 -9.15 -5.63 21.91
C GLU A 426 -9.65 -4.42 22.70
N ASP A 427 -9.97 -3.33 22.02
CA ASP A 427 -10.54 -2.16 22.68
C ASP A 427 -11.70 -2.55 23.59
N GLY A 428 -11.65 -2.09 24.84
CA GLY A 428 -12.73 -2.29 25.78
C GLY A 428 -12.59 -3.53 26.64
N VAL A 429 -11.64 -4.41 26.29
CA VAL A 429 -11.44 -5.61 27.06
C VAL A 429 -10.69 -5.28 28.36
N VAL A 430 -11.21 -5.82 29.45
CA VAL A 430 -10.67 -5.58 30.78
C VAL A 430 -9.77 -6.72 31.22
N VAL A 431 -8.55 -6.38 31.62
CA VAL A 431 -7.57 -7.36 32.08
C VAL A 431 -7.25 -7.09 33.55
N ASP A 432 -7.35 -8.12 34.37
CA ASP A 432 -6.97 -7.96 35.78
C ASP A 432 -5.66 -8.64 36.10
N LEU A 433 -4.80 -7.91 36.78
CA LEU A 433 -3.59 -8.46 37.36
C LEU A 433 -3.82 -8.72 38.84
N VAL A 434 -4.08 -9.98 39.15
CA VAL A 434 -4.38 -10.45 40.51
C VAL A 434 -3.45 -11.59 40.88
N GLU A 435 -2.74 -11.43 41.99
CA GLU A 435 -1.76 -12.41 42.48
C GLU A 435 -0.69 -12.72 41.44
N GLY A 436 -0.24 -11.70 40.73
CA GLY A 436 0.84 -11.86 39.77
C GLY A 436 0.46 -12.37 38.39
N LYS A 437 -0.83 -12.68 38.19
CA LYS A 437 -1.29 -13.24 36.93
C LYS A 437 -2.32 -12.35 36.23
N ALA A 438 -2.11 -12.11 34.93
CA ALA A 438 -3.05 -11.32 34.12
C ALA A 438 -4.09 -12.21 33.45
N LYS A 439 -5.37 -11.86 33.63
CA LYS A 439 -6.46 -12.60 33.02
C LYS A 439 -7.50 -11.63 32.46
N ILE A 440 -8.14 -12.00 31.36
CA ILE A 440 -9.26 -11.24 30.84
C ILE A 440 -10.50 -11.53 31.71
N THR A 441 -11.11 -10.49 32.24
CA THR A 441 -12.17 -10.69 33.22
C THR A 441 -13.49 -10.01 32.82
N GLY A 442 -13.47 -9.27 31.71
CA GLY A 442 -14.71 -8.65 31.23
C GLY A 442 -14.46 -7.68 30.09
N LYS A 443 -15.48 -6.91 29.72
CA LYS A 443 -15.30 -5.86 28.75
C LYS A 443 -16.24 -4.69 29.01
N VAL A 444 -15.82 -3.50 28.59
CA VAL A 444 -16.66 -2.30 28.66
C VAL A 444 -16.89 -1.73 27.26
N GLN A 445 -17.81 -0.77 27.19
CA GLN A 445 -18.11 -0.09 25.94
C GLN A 445 -16.88 0.63 25.41
N ALA A 446 -16.63 0.46 24.11
CA ALA A 446 -15.43 0.99 23.50
C ALA A 446 -15.56 1.21 22.00
N GLY A 447 -16.73 1.67 21.55
CA GLY A 447 -16.92 1.97 20.14
C GLY A 447 -16.21 3.23 19.68
N TYR A 448 -16.52 3.66 18.46
CA TYR A 448 -15.95 4.87 17.89
C TYR A 448 -16.77 6.11 18.24
N VAL A 449 -16.09 7.22 18.53
CA VAL A 449 -16.75 8.49 18.82
C VAL A 449 -16.26 9.54 17.83
N TYR A 450 -17.17 10.21 17.14
CA TYR A 450 -16.78 11.10 16.05
C TYR A 450 -16.80 12.57 16.48
N VAL A 451 -15.90 13.37 15.92
CA VAL A 451 -15.83 14.76 16.32
C VAL A 451 -15.50 15.71 15.17
N ASP A 452 -16.26 16.81 15.14
CA ASP A 452 -16.12 17.93 14.21
C ASP A 452 -15.48 19.11 14.94
N GLY A 453 -14.73 18.83 16.00
CA GLY A 453 -14.23 19.86 16.88
C GLY A 453 -15.17 20.08 18.05
N LEU A 454 -16.41 19.61 17.91
CA LEU A 454 -17.45 19.80 18.92
C LEU A 454 -18.08 18.48 19.36
N SER A 455 -17.83 17.42 18.60
CA SER A 455 -18.31 16.06 18.88
C SER A 455 -19.82 15.97 19.04
N SER B 2 6.93 18.53 -20.77
CA SER B 2 7.15 17.21 -20.18
C SER B 2 5.85 16.40 -20.18
N HIS B 3 4.77 17.07 -20.54
CA HIS B 3 3.45 16.45 -20.66
C HIS B 3 2.79 17.01 -21.92
N PRO B 4 1.67 16.39 -22.37
CA PRO B 4 0.94 16.97 -23.51
C PRO B 4 0.50 18.42 -23.24
N HIS B 5 0.58 19.26 -24.26
CA HIS B 5 0.25 20.68 -24.15
C HIS B 5 -1.18 20.89 -23.68
N PRO B 6 -1.39 21.78 -22.70
CA PRO B 6 -2.72 22.05 -22.14
C PRO B 6 -3.69 22.65 -23.16
N GLU B 7 -3.14 23.33 -24.17
CA GLU B 7 -3.98 24.00 -25.16
C GLU B 7 -4.25 23.14 -26.40
N LEU B 8 -4.10 21.82 -26.26
CA LEU B 8 -4.36 20.91 -27.38
C LEU B 8 -5.84 20.93 -27.76
N GLY B 9 -6.10 21.06 -29.06
CA GLY B 9 -7.45 20.94 -29.58
C GLY B 9 -7.56 19.74 -30.49
N ARG B 10 -8.61 19.70 -31.30
CA ARG B 10 -8.84 18.60 -32.24
C ARG B 10 -7.68 18.45 -33.22
N PRO B 11 -7.33 17.20 -33.54
CA PRO B 11 -6.26 16.93 -34.52
C PRO B 11 -6.66 17.37 -35.92
N PRO B 12 -5.69 17.88 -36.69
CA PRO B 12 -5.91 18.22 -38.10
C PRO B 12 -6.18 16.98 -38.94
N ALA B 13 -6.36 17.17 -40.25
CA ALA B 13 -6.54 16.05 -41.15
C ALA B 13 -5.29 15.18 -41.12
N LEU B 14 -5.49 13.87 -41.03
CA LEU B 14 -4.38 12.94 -41.10
C LEU B 14 -3.81 12.93 -42.52
N PRO B 15 -2.53 13.31 -42.66
CA PRO B 15 -1.87 13.30 -43.98
C PRO B 15 -1.95 11.94 -44.67
N LYS B 16 -2.07 11.95 -45.99
CA LYS B 16 -2.03 10.72 -46.79
C LYS B 16 -0.77 9.94 -46.45
N GLY B 17 -0.94 8.65 -46.17
CA GLY B 17 0.19 7.80 -45.85
C GLY B 17 0.65 7.88 -44.40
N GLY B 18 -0.09 8.61 -43.58
CA GLY B 18 0.22 8.73 -42.16
C GLY B 18 -0.64 7.84 -41.30
N LEU B 19 -0.13 7.48 -40.11
CA LEU B 19 -0.89 6.65 -39.19
C LEU B 19 -1.24 7.41 -37.92
N ARG B 20 -2.48 7.29 -37.48
CA ARG B 20 -2.92 7.99 -36.27
C ARG B 20 -3.17 7.02 -35.10
N VAL B 21 -2.59 7.34 -33.95
CA VAL B 21 -2.67 6.51 -32.77
C VAL B 21 -3.27 7.30 -31.62
N THR B 22 -4.37 6.79 -31.07
CA THR B 22 -5.07 7.48 -29.98
C THR B 22 -5.38 6.56 -28.82
N PRO B 23 -4.61 6.65 -27.73
CA PRO B 23 -5.00 5.93 -26.51
C PRO B 23 -6.28 6.53 -25.95
N LEU B 24 -7.30 5.71 -25.74
CA LEU B 24 -8.54 6.20 -25.15
C LEU B 24 -8.58 5.78 -23.70
N GLY B 25 -7.73 4.82 -23.33
CA GLY B 25 -7.62 4.45 -21.93
C GLY B 25 -6.39 3.66 -21.59
N GLY B 26 -5.95 3.75 -20.33
CA GLY B 26 -4.80 3.00 -19.84
C GLY B 26 -3.58 3.87 -19.55
N LEU B 27 -3.68 5.16 -19.84
CA LEU B 27 -2.58 6.08 -19.59
C LEU B 27 -2.97 7.10 -18.52
N GLY B 28 -2.21 7.13 -17.43
CA GLY B 28 -2.51 8.04 -16.33
C GLY B 28 -3.14 7.29 -15.19
N GLU B 29 -3.91 6.26 -15.52
CA GLU B 29 -4.46 5.32 -14.54
C GLU B 29 -4.50 3.92 -15.15
N ILE B 30 -3.99 2.95 -14.40
CA ILE B 30 -3.96 1.55 -14.84
C ILE B 30 -5.36 0.97 -15.00
N GLY B 31 -5.73 0.60 -16.22
CA GLY B 31 -7.05 0.01 -16.45
C GLY B 31 -7.74 0.58 -17.67
N ARG B 32 -8.92 0.04 -17.98
CA ARG B 32 -9.68 0.35 -19.20
C ARG B 32 -8.81 0.61 -20.44
N ASN B 33 -7.81 -0.25 -20.64
CA ASN B 33 -6.89 -0.08 -21.75
C ASN B 33 -7.61 -0.12 -23.08
N MET B 34 -7.36 0.89 -23.91
CA MET B 34 -7.95 0.91 -25.23
C MET B 34 -7.19 1.89 -26.10
N THR B 35 -6.71 1.38 -27.23
CA THR B 35 -5.99 2.21 -28.19
C THR B 35 -6.61 2.11 -29.59
N VAL B 36 -6.85 3.26 -30.22
CA VAL B 36 -7.39 3.29 -31.58
C VAL B 36 -6.30 3.60 -32.62
N PHE B 37 -6.27 2.83 -33.70
CA PHE B 37 -5.33 3.09 -34.79
C PHE B 37 -6.11 3.52 -36.01
N GLU B 38 -5.60 4.53 -36.73
CA GLU B 38 -6.29 4.97 -37.93
C GLU B 38 -5.37 5.09 -39.12
N TYR B 39 -5.77 4.48 -40.22
CA TYR B 39 -5.06 4.64 -41.49
C TYR B 39 -6.04 4.67 -42.65
N GLY B 40 -5.88 5.67 -43.51
CA GLY B 40 -6.67 5.78 -44.72
C GLY B 40 -8.16 5.68 -44.46
N GLY B 41 -8.60 6.35 -43.40
CA GLY B 41 -10.00 6.42 -43.07
C GLY B 41 -10.55 5.19 -42.37
N ARG B 42 -9.68 4.24 -42.04
CA ARG B 42 -10.10 3.00 -41.40
C ARG B 42 -9.56 2.89 -39.97
N LEU B 43 -10.32 2.23 -39.10
CA LEU B 43 -9.95 2.10 -37.69
C LEU B 43 -9.70 0.65 -37.26
N LEU B 44 -8.70 0.49 -36.41
CA LEU B 44 -8.43 -0.79 -35.75
C LEU B 44 -8.39 -0.54 -34.26
N ILE B 45 -9.08 -1.36 -33.47
CA ILE B 45 -9.01 -1.17 -32.03
C ILE B 45 -8.13 -2.24 -31.37
N VAL B 46 -7.18 -1.82 -30.54
CA VAL B 46 -6.44 -2.77 -29.74
C VAL B 46 -6.85 -2.65 -28.27
N ASP B 47 -7.48 -3.73 -27.81
CA ASP B 47 -8.03 -3.89 -26.46
C ASP B 47 -9.18 -2.93 -26.19
N CYS B 48 -10.04 -3.33 -25.27
CA CYS B 48 -11.11 -2.49 -24.79
C CYS B 48 -11.52 -2.97 -23.39
N GLY B 49 -10.82 -2.49 -22.37
CA GLY B 49 -11.04 -2.98 -21.03
C GLY B 49 -11.92 -2.09 -20.16
N VAL B 50 -12.16 -2.53 -18.94
CA VAL B 50 -12.79 -1.69 -17.93
C VAL B 50 -11.75 -1.22 -16.91
N LEU B 51 -12.10 -0.15 -16.22
CA LEU B 51 -11.30 0.37 -15.11
C LEU B 51 -12.13 0.29 -13.83
N PHE B 52 -11.52 -0.20 -12.77
CA PHE B 52 -12.22 -0.37 -11.50
C PHE B 52 -12.12 0.87 -10.63
N PRO B 53 -13.28 1.35 -10.13
CA PRO B 53 -13.30 2.59 -9.35
C PRO B 53 -12.64 2.41 -7.99
N GLU B 54 -12.03 3.47 -7.48
CA GLU B 54 -11.57 3.49 -6.10
C GLU B 54 -12.74 3.69 -5.18
N GLU B 55 -12.94 2.74 -4.26
CA GLU B 55 -13.87 2.91 -3.13
C GLU B 55 -15.25 3.43 -3.54
N GLU B 56 -16.03 2.60 -4.26
CA GLU B 56 -17.47 2.87 -4.46
C GLU B 56 -17.58 4.12 -5.41
N GLN B 57 -18.68 4.92 -5.51
CA GLN B 57 -20.05 4.77 -5.00
C GLN B 57 -20.78 3.59 -5.60
N PRO B 58 -21.90 3.17 -4.97
CA PRO B 58 -22.74 2.05 -5.46
C PRO B 58 -23.28 2.24 -6.86
N GLY B 59 -23.64 3.47 -7.24
CA GLY B 59 -24.09 3.75 -8.60
C GLY B 59 -23.00 3.46 -9.62
N ILE B 60 -21.76 3.38 -9.13
CA ILE B 60 -20.60 3.15 -9.97
C ILE B 60 -20.14 1.69 -9.84
N ASP B 61 -20.29 0.94 -10.92
CA ASP B 61 -19.78 -0.42 -10.95
C ASP B 61 -18.56 -0.48 -11.84
N LEU B 62 -18.75 -0.17 -13.12
CA LEU B 62 -17.65 -0.23 -14.07
C LEU B 62 -17.40 1.12 -14.73
N ILE B 63 -16.12 1.43 -14.90
CA ILE B 63 -15.72 2.60 -15.67
C ILE B 63 -15.14 2.17 -17.01
N LEU B 64 -15.54 2.89 -18.06
CA LEU B 64 -15.24 2.58 -19.44
C LEU B 64 -14.45 3.70 -20.10
N PRO B 65 -13.75 3.36 -21.18
CA PRO B 65 -13.22 4.38 -22.10
C PRO B 65 -14.39 5.17 -22.69
N ASP B 66 -14.09 6.37 -23.16
CA ASP B 66 -15.11 7.21 -23.79
C ASP B 66 -15.12 6.93 -25.29
N PHE B 67 -16.21 6.33 -25.80
CA PHE B 67 -16.31 5.94 -27.21
C PHE B 67 -16.73 7.10 -28.13
N THR B 68 -16.83 8.29 -27.57
CA THR B 68 -17.35 9.46 -28.29
C THR B 68 -16.63 9.71 -29.62
N SER B 69 -15.30 9.59 -29.61
CA SER B 69 -14.52 9.90 -30.81
C SER B 69 -14.69 8.86 -31.92
N ILE B 70 -15.28 7.71 -31.62
CA ILE B 70 -15.47 6.67 -32.63
C ILE B 70 -16.94 6.36 -32.88
N ARG B 71 -17.79 6.89 -32.01
CA ARG B 71 -19.23 6.58 -32.03
C ARG B 71 -19.90 6.95 -33.35
N ASP B 72 -19.45 8.04 -33.97
CA ASP B 72 -20.02 8.48 -35.23
C ASP B 72 -19.38 7.79 -36.43
N ARG B 73 -18.37 6.97 -36.19
CA ARG B 73 -17.70 6.27 -37.28
C ARG B 73 -17.49 4.78 -37.03
N LEU B 74 -18.50 4.15 -36.43
CA LEU B 74 -18.41 2.73 -36.08
C LEU B 74 -18.28 1.84 -37.32
N ASP B 75 -18.81 2.31 -38.46
CA ASP B 75 -18.70 1.55 -39.71
C ASP B 75 -17.27 1.53 -40.22
N ASP B 76 -16.42 2.40 -39.68
CA ASP B 76 -15.03 2.48 -40.10
C ASP B 76 -14.17 1.42 -39.43
N ILE B 77 -14.69 0.78 -38.40
CA ILE B 77 -13.89 -0.14 -37.60
C ILE B 77 -13.77 -1.52 -38.23
N GLU B 78 -12.53 -1.94 -38.49
CA GLU B 78 -12.26 -3.21 -39.14
C GLU B 78 -12.28 -4.39 -38.19
N GLY B 79 -12.03 -4.14 -36.90
CA GLY B 79 -11.95 -5.21 -35.93
C GLY B 79 -11.43 -4.75 -34.58
N ILE B 80 -11.61 -5.59 -33.56
CA ILE B 80 -11.05 -5.34 -32.23
C ILE B 80 -10.04 -6.44 -31.92
N VAL B 81 -8.77 -6.06 -31.81
CA VAL B 81 -7.72 -7.00 -31.45
C VAL B 81 -7.63 -7.08 -29.92
N LEU B 82 -7.61 -8.30 -29.39
CA LEU B 82 -7.50 -8.49 -27.94
C LEU B 82 -6.21 -9.21 -27.60
N THR B 83 -5.34 -8.54 -26.86
CA THR B 83 -4.01 -9.08 -26.61
C THR B 83 -4.02 -10.27 -25.66
N HIS B 84 -4.96 -10.27 -24.72
CA HIS B 84 -5.08 -11.33 -23.72
C HIS B 84 -6.35 -11.13 -22.92
N GLY B 85 -6.75 -12.13 -22.15
CA GLY B 85 -8.09 -12.15 -21.57
C GLY B 85 -8.32 -11.54 -20.19
N HIS B 86 -7.42 -10.67 -19.74
CA HIS B 86 -7.63 -9.93 -18.49
C HIS B 86 -8.72 -8.86 -18.64
N GLU B 87 -9.47 -8.64 -17.56
CA GLU B 87 -10.62 -7.73 -17.58
C GLU B 87 -10.31 -6.29 -17.95
N ASP B 88 -9.13 -5.80 -17.61
CA ASP B 88 -8.79 -4.44 -17.98
C ASP B 88 -8.37 -4.32 -19.44
N HIS B 89 -8.53 -5.41 -20.21
CA HIS B 89 -8.35 -5.39 -21.66
C HIS B 89 -9.55 -5.88 -22.47
N ILE B 90 -10.45 -6.64 -21.84
CA ILE B 90 -11.60 -7.18 -22.57
C ILE B 90 -12.96 -6.74 -22.00
N GLY B 91 -12.95 -6.13 -20.82
CA GLY B 91 -14.19 -5.86 -20.10
C GLY B 91 -15.07 -4.80 -20.74
N GLY B 92 -14.50 -3.98 -21.60
CA GLY B 92 -15.27 -2.97 -22.30
C GLY B 92 -15.99 -3.50 -23.53
N VAL B 93 -15.53 -4.64 -24.04
CA VAL B 93 -16.01 -5.18 -25.31
C VAL B 93 -17.53 -5.37 -25.40
N PRO B 94 -18.20 -5.88 -24.35
CA PRO B 94 -19.66 -5.98 -24.50
C PRO B 94 -20.34 -4.63 -24.75
N PHE B 95 -19.79 -3.56 -24.18
CA PHE B 95 -20.40 -2.25 -24.28
C PHE B 95 -20.11 -1.59 -25.63
N LEU B 96 -18.97 -1.92 -26.22
CA LEU B 96 -18.69 -1.52 -27.60
C LEU B 96 -19.56 -2.31 -28.60
N LEU B 97 -19.63 -3.63 -28.44
CA LEU B 97 -20.40 -4.46 -29.35
C LEU B 97 -21.90 -4.18 -29.24
N ARG B 98 -22.33 -3.65 -28.09
CA ARG B 98 -23.73 -3.28 -27.94
C ARG B 98 -24.10 -2.26 -29.02
N GLU B 99 -23.16 -1.37 -29.33
CA GLU B 99 -23.39 -0.32 -30.32
C GLU B 99 -23.18 -0.77 -31.77
N LYS B 100 -22.33 -1.77 -31.99
CA LYS B 100 -22.22 -2.42 -33.29
C LYS B 100 -21.75 -3.86 -33.16
N PRO B 101 -22.70 -4.79 -33.09
CA PRO B 101 -22.52 -6.21 -32.73
C PRO B 101 -21.73 -7.04 -33.74
N ASP B 102 -21.49 -6.51 -34.93
CA ASP B 102 -20.84 -7.33 -35.95
C ASP B 102 -19.38 -6.94 -36.18
N ILE B 103 -18.83 -6.13 -35.30
CA ILE B 103 -17.38 -5.93 -35.27
C ILE B 103 -16.71 -7.20 -34.79
N PRO B 104 -15.83 -7.80 -35.63
CA PRO B 104 -15.20 -9.08 -35.27
C PRO B 104 -14.11 -8.94 -34.23
N LEU B 105 -14.00 -9.92 -33.33
CA LEU B 105 -12.94 -9.93 -32.32
C LEU B 105 -11.77 -10.81 -32.77
N ILE B 106 -10.55 -10.30 -32.63
CA ILE B 106 -9.35 -11.02 -33.07
C ILE B 106 -8.47 -11.33 -31.87
N GLY B 107 -8.19 -12.60 -31.62
CA GLY B 107 -7.42 -12.95 -30.44
C GLY B 107 -7.09 -14.43 -30.37
N SER B 108 -6.35 -14.80 -29.33
CA SER B 108 -5.94 -16.19 -29.13
C SER B 108 -7.12 -17.02 -28.66
N LYS B 109 -6.95 -18.35 -28.70
CA LYS B 109 -8.01 -19.27 -28.32
C LYS B 109 -8.53 -18.99 -26.90
N LEU B 110 -7.62 -18.83 -25.93
CA LEU B 110 -8.04 -18.64 -24.55
C LEU B 110 -8.73 -17.27 -24.36
N THR B 111 -8.12 -16.23 -24.92
CA THR B 111 -8.68 -14.87 -24.88
C THR B 111 -10.12 -14.83 -25.41
N LEU B 112 -10.32 -15.42 -26.59
CA LEU B 112 -11.65 -15.43 -27.20
C LEU B 112 -12.61 -16.26 -26.37
N ALA B 113 -12.14 -17.36 -25.78
CA ALA B 113 -13.02 -18.15 -24.91
C ALA B 113 -13.52 -17.34 -23.70
N LEU B 114 -12.60 -16.63 -23.05
CA LEU B 114 -12.95 -15.84 -21.87
C LEU B 114 -13.90 -14.69 -22.22
N ILE B 115 -13.62 -13.98 -23.30
CA ILE B 115 -14.49 -12.87 -23.67
C ILE B 115 -15.85 -13.41 -24.17
N GLU B 116 -15.87 -14.56 -24.84
CA GLU B 116 -17.15 -15.10 -25.29
C GLU B 116 -18.00 -15.53 -24.10
N ALA B 117 -17.35 -16.05 -23.07
CA ALA B 117 -18.07 -16.46 -21.86
C ALA B 117 -18.65 -15.22 -21.17
N LYS B 118 -17.86 -14.14 -21.10
CA LYS B 118 -18.43 -12.90 -20.59
C LYS B 118 -19.61 -12.41 -21.44
N LEU B 119 -19.44 -12.41 -22.76
CA LEU B 119 -20.45 -11.90 -23.69
C LEU B 119 -21.77 -12.68 -23.62
N GLN B 120 -21.69 -13.96 -23.24
CA GLN B 120 -22.90 -14.76 -23.09
C GLN B 120 -23.90 -14.12 -22.10
N GLU B 121 -23.38 -13.51 -21.05
CA GLU B 121 -24.21 -12.85 -20.04
C GLU B 121 -24.94 -11.64 -20.64
N HIS B 122 -24.40 -11.08 -21.71
CA HIS B 122 -25.00 -9.96 -22.42
C HIS B 122 -25.87 -10.43 -23.60
N ARG B 123 -26.01 -11.74 -23.73
CA ARG B 123 -26.64 -12.37 -24.91
C ARG B 123 -26.00 -11.88 -26.22
N ILE B 124 -24.68 -11.82 -26.23
CA ILE B 124 -23.96 -11.44 -27.43
C ILE B 124 -23.05 -12.56 -27.90
N ARG B 125 -23.19 -12.95 -29.17
CA ARG B 125 -22.30 -13.92 -29.77
C ARG B 125 -21.53 -13.23 -30.90
N PRO B 126 -20.22 -13.01 -30.72
CA PRO B 126 -19.42 -12.25 -31.69
C PRO B 126 -18.90 -13.08 -32.87
N TYR B 127 -18.64 -12.38 -33.97
CA TYR B 127 -17.83 -12.92 -35.04
C TYR B 127 -16.39 -12.87 -34.59
N THR B 128 -15.63 -13.94 -34.81
CA THR B 128 -14.25 -13.96 -34.31
C THR B 128 -13.26 -14.46 -35.35
N LEU B 129 -12.02 -13.97 -35.22
CA LEU B 129 -10.87 -14.50 -35.93
C LEU B 129 -9.85 -15.02 -34.91
N GLU B 130 -9.80 -16.32 -34.71
CA GLU B 130 -8.82 -16.91 -33.81
C GLU B 130 -7.41 -16.87 -34.41
N VAL B 131 -6.47 -16.25 -33.72
CA VAL B 131 -5.09 -16.22 -34.17
C VAL B 131 -4.18 -16.83 -33.13
N ALA B 132 -3.00 -17.24 -33.56
CA ALA B 132 -1.94 -17.72 -32.67
C ALA B 132 -0.65 -17.03 -33.06
N GLU B 133 0.38 -17.22 -32.23
CA GLU B 133 1.69 -16.63 -32.48
C GLU B 133 2.18 -17.06 -33.86
N GLY B 134 2.74 -16.13 -34.62
CA GLY B 134 3.24 -16.44 -35.94
C GLY B 134 2.25 -16.17 -37.06
N HIS B 135 0.96 -16.13 -36.74
CA HIS B 135 -0.04 -15.84 -37.75
C HIS B 135 0.08 -14.38 -38.21
N ARG B 136 -0.24 -14.17 -39.48
CA ARG B 136 -0.22 -12.85 -40.06
C ARG B 136 -1.43 -12.68 -40.97
N GLU B 137 -2.22 -11.64 -40.71
CA GLU B 137 -3.50 -11.48 -41.38
C GLU B 137 -3.73 -10.04 -41.78
N ARG B 138 -4.37 -9.84 -42.92
CA ARG B 138 -4.76 -8.49 -43.31
C ARG B 138 -6.14 -8.22 -42.75
N VAL B 139 -6.21 -7.17 -41.93
CA VAL B 139 -7.45 -6.72 -41.34
C VAL B 139 -7.71 -5.34 -41.89
N GLY B 140 -8.53 -5.27 -42.94
CA GLY B 140 -8.63 -4.06 -43.73
C GLY B 140 -7.23 -3.69 -44.19
N PRO B 141 -6.85 -2.41 -44.04
CA PRO B 141 -5.52 -1.95 -44.46
C PRO B 141 -4.43 -2.27 -43.43
N PHE B 142 -4.80 -2.87 -42.30
CA PHE B 142 -3.82 -3.15 -41.25
C PHE B 142 -3.24 -4.56 -41.38
N ASP B 143 -1.95 -4.67 -41.66
CA ASP B 143 -1.32 -5.98 -41.80
C ASP B 143 -0.82 -6.40 -40.42
N CYS B 144 -1.51 -7.34 -39.79
CA CYS B 144 -1.27 -7.69 -38.38
C CYS B 144 -0.55 -9.03 -38.19
N GLU B 145 0.63 -8.99 -37.57
CA GLU B 145 1.37 -10.21 -37.24
C GLU B 145 1.41 -10.40 -35.74
N PHE B 146 1.09 -11.59 -35.28
CA PHE B 146 0.97 -11.84 -33.86
C PHE B 146 2.19 -12.56 -33.31
N VAL B 147 2.60 -12.14 -32.12
CA VAL B 147 3.83 -12.61 -31.47
C VAL B 147 3.55 -13.13 -30.08
N ALA B 148 4.16 -14.25 -29.71
CA ALA B 148 3.98 -14.81 -28.38
C ALA B 148 4.59 -13.93 -27.29
N VAL B 149 3.81 -13.60 -26.26
CA VAL B 149 4.39 -13.02 -25.05
C VAL B 149 3.95 -13.78 -23.80
N ASN B 150 4.90 -13.96 -22.91
CA ASN B 150 4.66 -14.60 -21.63
C ASN B 150 4.07 -13.55 -20.68
N HIS B 151 3.12 -13.94 -19.86
CA HIS B 151 2.42 -12.99 -18.99
C HIS B 151 1.82 -13.79 -17.82
N SER B 152 0.85 -13.22 -17.08
CA SER B 152 0.27 -13.89 -15.91
C SER B 152 -1.03 -14.63 -16.26
N ILE B 153 -1.38 -14.62 -17.54
CA ILE B 153 -2.45 -15.45 -18.12
C ILE B 153 -1.84 -16.08 -19.39
N PRO B 154 -2.21 -17.35 -19.70
CA PRO B 154 -1.50 -18.18 -20.70
C PRO B 154 -1.39 -17.81 -22.18
N ASP B 155 -2.35 -17.15 -22.79
CA ASP B 155 -2.29 -17.18 -24.30
C ASP B 155 -2.09 -15.76 -24.83
N ALA B 156 -1.28 -14.96 -24.14
CA ALA B 156 -1.17 -13.53 -24.45
C ALA B 156 -0.38 -13.29 -25.72
N LEU B 157 -0.70 -12.20 -26.41
CA LEU B 157 -0.05 -11.88 -27.67
C LEU B 157 0.36 -10.42 -27.76
N ALA B 158 1.45 -10.16 -28.47
CA ALA B 158 1.77 -8.82 -28.94
C ALA B 158 1.42 -8.76 -30.44
N VAL B 159 1.32 -7.57 -30.98
CA VAL B 159 0.97 -7.47 -32.39
C VAL B 159 1.81 -6.42 -33.11
N ALA B 160 2.26 -6.78 -34.30
CA ALA B 160 2.95 -5.87 -35.19
C ALA B 160 1.98 -5.47 -36.31
N ILE B 161 1.73 -4.18 -36.41
CA ILE B 161 0.79 -3.61 -37.35
C ILE B 161 1.56 -2.85 -38.43
N ARG B 162 1.61 -3.45 -39.61
CA ARG B 162 2.27 -2.85 -40.77
C ARG B 162 1.27 -2.14 -41.66
N THR B 163 1.59 -0.90 -41.97
CA THR B 163 0.87 -0.10 -42.94
C THR B 163 1.92 0.62 -43.79
N PRO B 164 1.48 1.35 -44.84
CA PRO B 164 2.48 2.17 -45.54
C PRO B 164 3.15 3.25 -44.68
N ALA B 165 2.56 3.58 -43.54
CA ALA B 165 3.18 4.53 -42.63
C ALA B 165 4.32 3.89 -41.86
N GLY B 166 4.43 2.57 -41.96
CA GLY B 166 5.47 1.86 -41.24
C GLY B 166 4.95 0.77 -40.34
N MET B 167 5.78 0.35 -39.38
CA MET B 167 5.43 -0.75 -38.50
C MET B 167 5.29 -0.29 -37.07
N VAL B 168 4.13 -0.55 -36.49
CA VAL B 168 3.89 -0.29 -35.09
C VAL B 168 3.84 -1.59 -34.30
N VAL B 169 4.53 -1.66 -33.18
CA VAL B 169 4.45 -2.85 -32.34
C VAL B 169 3.79 -2.48 -31.02
N HIS B 170 2.77 -3.26 -30.70
CA HIS B 170 2.02 -3.12 -29.44
C HIS B 170 2.29 -4.38 -28.62
N THR B 171 2.96 -4.23 -27.48
CA THR B 171 3.39 -5.39 -26.69
C THR B 171 2.25 -6.10 -25.98
N GLY B 172 1.11 -5.42 -25.87
CA GLY B 172 0.12 -5.80 -24.88
C GLY B 172 0.77 -5.79 -23.50
N ASP B 173 0.31 -6.66 -22.60
CA ASP B 173 0.99 -6.87 -21.32
C ASP B 173 1.98 -8.01 -21.47
N PHE B 174 3.17 -7.88 -20.89
CA PHE B 174 4.19 -8.92 -21.08
C PHE B 174 5.25 -8.86 -20.01
N LYS B 175 5.90 -10.01 -19.82
CA LYS B 175 7.16 -10.05 -19.11
C LYS B 175 8.03 -11.06 -19.87
N MET B 176 9.13 -11.53 -19.28
CA MET B 176 10.00 -12.46 -20.00
C MET B 176 10.53 -13.53 -19.08
N ASP B 177 9.62 -14.30 -18.51
CA ASP B 177 9.99 -15.49 -17.76
C ASP B 177 10.78 -16.42 -18.69
N GLN B 178 11.96 -16.86 -18.24
CA GLN B 178 12.81 -17.71 -19.08
C GLN B 178 12.60 -19.19 -18.84
N LEU B 179 11.78 -19.53 -17.85
CA LEU B 179 11.39 -20.92 -17.64
C LEU B 179 9.87 -21.05 -17.43
N PRO B 180 9.07 -20.58 -18.41
CA PRO B 180 7.62 -20.59 -18.24
C PRO B 180 7.07 -22.01 -18.15
N LEU B 181 6.03 -22.21 -17.34
CA LEU B 181 5.47 -23.53 -17.08
C LEU B 181 5.01 -24.25 -18.35
N ASP B 182 4.48 -23.50 -19.32
CA ASP B 182 3.97 -24.07 -20.56
C ASP B 182 5.01 -24.01 -21.69
N GLY B 183 6.24 -23.63 -21.34
CA GLY B 183 7.32 -23.55 -22.31
C GLY B 183 7.17 -22.45 -23.35
N ARG B 184 6.21 -21.55 -23.14
CA ARG B 184 5.93 -20.51 -24.12
C ARG B 184 6.66 -19.21 -23.75
N LEU B 185 7.81 -18.99 -24.39
CA LEU B 185 8.62 -17.81 -24.14
C LEU B 185 8.08 -16.58 -24.85
N THR B 186 8.22 -15.42 -24.21
CA THR B 186 8.16 -14.18 -24.99
C THR B 186 9.16 -14.32 -26.15
N ASP B 187 8.69 -14.09 -27.37
CA ASP B 187 9.45 -14.51 -28.55
C ASP B 187 10.46 -13.46 -29.04
N LEU B 188 11.65 -13.49 -28.45
CA LEU B 188 12.69 -12.53 -28.75
C LEU B 188 13.26 -12.70 -30.18
N HIS B 189 13.24 -13.92 -30.72
CA HIS B 189 13.65 -14.13 -32.11
C HIS B 189 12.78 -13.27 -33.05
N ALA B 190 11.47 -13.29 -32.80
CA ALA B 190 10.53 -12.53 -33.62
C ALA B 190 10.77 -11.05 -33.50
N PHE B 191 10.90 -10.54 -32.27
CA PHE B 191 11.12 -9.11 -32.07
C PHE B 191 12.46 -8.68 -32.70
N ALA B 192 13.46 -9.54 -32.64
CA ALA B 192 14.75 -9.26 -33.26
C ALA B 192 14.59 -9.07 -34.76
N ARG B 193 13.89 -10.02 -35.38
CA ARG B 193 13.57 -9.93 -36.81
C ARG B 193 12.82 -8.64 -37.13
N LEU B 194 11.77 -8.34 -36.36
CA LEU B 194 11.00 -7.13 -36.60
C LEU B 194 11.89 -5.90 -36.51
N SER B 195 12.85 -5.90 -35.60
CA SER B 195 13.69 -4.74 -35.39
C SER B 195 14.61 -4.57 -36.60
N GLU B 196 15.02 -5.68 -37.20
CA GLU B 196 15.88 -5.60 -38.38
C GLU B 196 15.09 -5.06 -39.57
N GLU B 197 13.82 -5.44 -39.68
CA GLU B 197 12.98 -4.81 -40.69
C GLU B 197 12.76 -3.34 -40.36
N GLY B 198 12.68 -3.01 -39.07
CA GLY B 198 12.46 -1.63 -38.66
C GLY B 198 11.17 -1.41 -37.91
N ILE B 199 11.28 -1.24 -36.59
CA ILE B 199 10.13 -0.92 -35.77
C ILE B 199 10.02 0.58 -35.64
N ASP B 200 9.03 1.18 -36.29
CA ASP B 200 8.94 2.64 -36.32
C ASP B 200 8.33 3.23 -35.05
N LEU B 201 7.41 2.49 -34.42
CA LEU B 201 6.78 2.95 -33.20
C LEU B 201 6.47 1.77 -32.29
N LEU B 202 6.91 1.85 -31.04
CA LEU B 202 6.73 0.77 -30.10
C LEU B 202 5.87 1.26 -28.93
N LEU B 203 4.74 0.60 -28.72
CA LEU B 203 3.88 0.89 -27.56
C LEU B 203 4.15 -0.19 -26.54
N ALA B 204 4.66 0.20 -25.38
CA ALA B 204 5.16 -0.82 -24.46
C ALA B 204 4.64 -0.70 -23.02
N ASP B 205 4.31 -1.86 -22.44
CA ASP B 205 3.83 -2.01 -21.06
C ASP B 205 4.74 -1.34 -20.01
N SER B 206 4.21 -0.38 -19.26
CA SER B 206 5.04 0.40 -18.33
C SER B 206 4.87 0.00 -16.86
N THR B 207 3.93 -0.91 -16.60
CA THR B 207 3.50 -1.22 -15.23
C THR B 207 4.64 -1.34 -14.22
N ASN B 208 5.68 -2.08 -14.59
CA ASN B 208 6.76 -2.40 -13.67
C ASN B 208 8.03 -1.67 -13.97
N ALA B 209 7.95 -0.61 -14.77
CA ALA B 209 9.16 0.07 -15.23
C ALA B 209 9.97 0.71 -14.10
N GLU B 210 9.35 0.96 -12.94
CA GLU B 210 10.09 1.51 -11.81
C GLU B 210 10.79 0.46 -10.95
N VAL B 211 10.45 -0.80 -11.16
CA VAL B 211 11.06 -1.87 -10.39
C VAL B 211 12.40 -2.30 -10.98
N PRO B 212 13.49 -2.12 -10.21
CA PRO B 212 14.84 -2.50 -10.65
C PRO B 212 14.98 -4.00 -10.85
N GLY B 213 15.90 -4.40 -11.71
CA GLY B 213 16.24 -5.81 -11.83
C GLY B 213 15.20 -6.63 -12.57
N PHE B 214 15.06 -7.88 -12.16
CA PHE B 214 14.30 -8.86 -12.93
C PHE B 214 13.22 -9.58 -12.11
N VAL B 215 12.15 -9.98 -12.79
CA VAL B 215 11.11 -10.78 -12.17
C VAL B 215 11.59 -12.19 -11.94
N PRO B 216 11.46 -12.68 -10.68
CA PRO B 216 11.71 -14.10 -10.39
C PRO B 216 10.84 -14.98 -11.27
N PRO B 217 11.37 -16.13 -11.72
CA PRO B 217 10.52 -17.04 -12.49
C PRO B 217 9.34 -17.58 -11.67
N GLU B 218 8.16 -17.67 -12.29
CA GLU B 218 6.96 -18.26 -11.69
C GLU B 218 7.23 -19.57 -10.93
N ARG B 219 8.04 -20.45 -11.53
CA ARG B 219 8.23 -21.78 -10.97
C ARG B 219 8.88 -21.82 -9.57
N ASP B 220 9.59 -20.74 -9.17
CA ASP B 220 10.15 -20.68 -7.81
C ASP B 220 9.04 -20.73 -6.75
N ILE B 221 7.87 -20.20 -7.11
CA ILE B 221 6.74 -20.21 -6.19
C ILE B 221 6.44 -21.64 -5.76
N SER B 222 6.65 -22.59 -6.67
CA SER B 222 6.31 -23.98 -6.38
C SER B 222 6.96 -24.42 -5.07
N ASN B 223 8.23 -24.09 -4.91
CA ASN B 223 8.95 -24.57 -3.74
C ASN B 223 8.39 -23.98 -2.45
N VAL B 224 8.04 -22.71 -2.50
CA VAL B 224 7.44 -22.07 -1.34
C VAL B 224 6.13 -22.80 -1.00
N LEU B 225 5.30 -23.07 -2.01
CA LEU B 225 4.04 -23.75 -1.77
C LEU B 225 4.30 -25.10 -1.13
N ARG B 226 5.34 -25.79 -1.61
CA ARG B 226 5.56 -27.15 -1.15
C ARG B 226 5.91 -27.07 0.33
N GLN B 227 6.76 -26.10 0.70
CA GLN B 227 7.12 -25.93 2.10
C GLN B 227 5.86 -25.74 2.93
N VAL B 228 4.98 -24.84 2.48
CA VAL B 228 3.78 -24.57 3.26
C VAL B 228 2.96 -25.85 3.35
N PHE B 229 2.78 -26.52 2.21
CA PHE B 229 1.94 -27.71 2.19
C PHE B 229 2.56 -28.75 3.09
N ALA B 230 3.89 -28.78 3.15
CA ALA B 230 4.54 -29.89 3.82
C ALA B 230 4.42 -29.70 5.33
N ASN B 231 4.11 -28.48 5.74
CA ASN B 231 4.13 -28.20 7.17
C ASN B 231 2.75 -27.87 7.73
N ALA B 232 1.74 -27.87 6.85
CA ALA B 232 0.38 -27.56 7.28
C ALA B 232 -0.32 -28.81 7.81
N ARG B 233 -0.83 -28.71 9.02
CA ARG B 233 -1.38 -29.86 9.74
C ARG B 233 -2.84 -30.10 9.40
N LYS B 234 -3.52 -29.05 8.96
CA LYS B 234 -4.96 -29.12 8.72
C LYS B 234 -5.32 -28.62 7.33
N ARG B 235 -6.43 -27.88 7.24
CA ARG B 235 -6.97 -27.44 5.97
C ARG B 235 -6.12 -26.35 5.33
N ILE B 236 -6.06 -26.35 4.00
CA ILE B 236 -5.39 -25.27 3.29
C ILE B 236 -6.38 -24.54 2.39
N ILE B 237 -6.40 -23.21 2.49
CA ILE B 237 -7.24 -22.35 1.67
C ILE B 237 -6.35 -21.42 0.87
N VAL B 238 -6.50 -21.40 -0.45
CA VAL B 238 -5.62 -20.57 -1.29
C VAL B 238 -6.44 -19.65 -2.16
N ALA B 239 -6.19 -18.36 -2.06
CA ALA B 239 -6.89 -17.40 -2.90
C ALA B 239 -5.97 -16.94 -4.03
N SER B 240 -6.56 -16.75 -5.19
CA SER B 240 -5.80 -16.30 -6.35
C SER B 240 -6.75 -15.58 -7.29
N PHE B 241 -6.22 -14.80 -8.21
CA PHE B 241 -7.01 -14.33 -9.35
C PHE B 241 -7.52 -15.55 -10.10
N ALA B 242 -8.78 -15.51 -10.55
CA ALA B 242 -9.39 -16.66 -11.21
C ALA B 242 -8.85 -16.90 -12.63
N SER B 243 -7.99 -16.00 -13.11
CA SER B 243 -7.39 -16.13 -14.45
C SER B 243 -5.94 -16.59 -14.42
N HIS B 244 -5.35 -16.72 -13.23
CA HIS B 244 -3.94 -17.08 -13.16
C HIS B 244 -3.78 -18.59 -13.23
N VAL B 245 -3.93 -19.11 -14.44
CA VAL B 245 -3.87 -20.54 -14.70
C VAL B 245 -2.59 -21.23 -14.20
N HIS B 246 -1.45 -20.62 -14.39
CA HIS B 246 -0.18 -21.22 -13.96
C HIS B 246 0.02 -21.20 -12.43
N ARG B 247 -0.44 -20.14 -11.76
CA ARG B 247 -0.40 -20.13 -10.30
C ARG B 247 -1.26 -21.28 -9.76
N ILE B 248 -2.47 -21.40 -10.30
CA ILE B 248 -3.40 -22.45 -9.91
C ILE B 248 -2.81 -23.83 -10.21
N GLN B 249 -2.12 -23.94 -11.33
CA GLN B 249 -1.48 -25.18 -11.73
C GLN B 249 -0.47 -25.61 -10.66
N GLN B 250 0.31 -24.65 -10.16
CA GLN B 250 1.31 -24.99 -9.14
C GLN B 250 0.63 -25.41 -7.83
N ILE B 251 -0.51 -24.79 -7.52
CA ILE B 251 -1.31 -25.22 -6.37
C ILE B 251 -1.83 -26.66 -6.53
N LEU B 252 -2.31 -27.01 -7.72
CA LEU B 252 -2.80 -28.38 -7.94
C LEU B 252 -1.65 -29.37 -7.83
N ASP B 253 -0.48 -29.01 -8.37
CA ASP B 253 0.66 -29.92 -8.29
C ASP B 253 1.05 -30.16 -6.83
N ALA B 254 1.12 -29.09 -6.05
CA ALA B 254 1.43 -29.20 -4.62
C ALA B 254 0.42 -30.09 -3.90
N ALA B 255 -0.86 -29.88 -4.18
CA ALA B 255 -1.91 -30.67 -3.54
C ALA B 255 -1.80 -32.16 -3.91
N HIS B 256 -1.51 -32.44 -5.17
CA HIS B 256 -1.39 -33.83 -5.61
C HIS B 256 -0.18 -34.46 -4.91
N GLU B 257 0.91 -33.70 -4.79
CA GLU B 257 2.12 -34.22 -4.16
C GLU B 257 1.93 -34.60 -2.69
N TYR B 258 1.16 -33.81 -1.95
CA TYR B 258 1.02 -34.04 -0.51
C TYR B 258 -0.29 -34.71 -0.15
N GLY B 259 -0.88 -35.40 -1.12
CA GLY B 259 -2.03 -36.25 -0.85
C GLY B 259 -3.30 -35.54 -0.42
N ARG B 260 -3.52 -34.35 -0.95
CA ARG B 260 -4.74 -33.60 -0.69
C ARG B 260 -5.62 -33.57 -1.93
N ARG B 261 -6.90 -33.27 -1.75
CA ARG B 261 -7.75 -33.05 -2.91
C ARG B 261 -8.22 -31.60 -2.96
N VAL B 262 -8.68 -31.17 -4.11
CA VAL B 262 -8.94 -29.75 -4.37
C VAL B 262 -10.37 -29.45 -4.79
N ALA B 263 -10.93 -28.39 -4.21
CA ALA B 263 -12.21 -27.87 -4.68
C ALA B 263 -12.07 -26.39 -4.99
N PHE B 264 -12.70 -25.97 -6.08
CA PHE B 264 -12.75 -24.57 -6.45
C PHE B 264 -13.97 -23.92 -5.84
N VAL B 265 -13.77 -22.73 -5.28
CA VAL B 265 -14.84 -22.00 -4.62
C VAL B 265 -14.98 -20.61 -5.23
N GLY B 266 -16.20 -20.25 -5.62
CA GLY B 266 -16.43 -18.95 -6.21
C GLY B 266 -16.69 -19.04 -7.71
N ARG B 267 -17.67 -18.27 -8.17
CA ARG B 267 -18.18 -18.33 -9.53
C ARG B 267 -17.09 -18.19 -10.60
N SER B 268 -16.32 -17.12 -10.50
CA SER B 268 -15.28 -16.80 -11.48
C SER B 268 -14.25 -17.92 -11.55
N MET B 269 -13.83 -18.39 -10.40
CA MET B 269 -12.86 -19.46 -10.32
C MET B 269 -13.39 -20.73 -10.99
N VAL B 270 -14.60 -21.14 -10.63
CA VAL B 270 -15.20 -22.36 -11.17
C VAL B 270 -15.34 -22.30 -12.69
N ARG B 271 -15.79 -21.15 -13.16
CA ARG B 271 -15.97 -20.94 -14.58
C ARG B 271 -14.63 -20.97 -15.33
N ASN B 272 -13.71 -20.09 -14.94
CA ASN B 272 -12.44 -19.96 -15.66
C ASN B 272 -11.57 -21.21 -15.57
N MET B 273 -11.60 -21.92 -14.44
CA MET B 273 -10.84 -23.15 -14.38
C MET B 273 -11.54 -24.27 -15.17
N GLY B 274 -12.86 -24.18 -15.29
CA GLY B 274 -13.57 -25.06 -16.19
C GLY B 274 -13.11 -24.87 -17.64
N ILE B 275 -13.11 -23.63 -18.09
CA ILE B 275 -12.64 -23.29 -19.43
C ILE B 275 -11.19 -23.71 -19.65
N ALA B 276 -10.32 -23.40 -18.70
CA ALA B 276 -8.89 -23.71 -18.82
C ALA B 276 -8.63 -25.22 -18.86
N ARG B 277 -9.37 -25.97 -18.06
CA ARG B 277 -9.21 -27.42 -18.06
C ARG B 277 -9.72 -27.99 -19.38
N ASP B 278 -10.90 -27.52 -19.81
CA ASP B 278 -11.50 -28.01 -21.04
C ASP B 278 -10.63 -27.73 -22.27
N LEU B 279 -9.95 -26.59 -22.29
CA LEU B 279 -9.14 -26.24 -23.45
C LEU B 279 -7.70 -26.73 -23.37
N GLY B 280 -7.34 -27.39 -22.27
CA GLY B 280 -6.01 -27.96 -22.13
C GLY B 280 -4.94 -27.04 -21.53
N TYR B 281 -5.32 -25.86 -21.06
CA TYR B 281 -4.35 -24.93 -20.49
C TYR B 281 -4.02 -25.29 -19.05
N LEU B 282 -4.98 -25.92 -18.37
CA LEU B 282 -4.79 -26.38 -17.00
C LEU B 282 -4.75 -27.90 -17.00
N LYS B 283 -3.69 -28.47 -16.44
CA LYS B 283 -3.51 -29.93 -16.42
C LYS B 283 -3.98 -30.49 -15.08
N VAL B 284 -5.04 -31.29 -15.11
CA VAL B 284 -5.66 -31.78 -13.87
C VAL B 284 -5.70 -33.30 -13.80
N PRO B 285 -4.91 -33.87 -12.87
CA PRO B 285 -4.87 -35.32 -12.65
C PRO B 285 -6.25 -35.86 -12.29
N PRO B 286 -6.62 -37.01 -12.86
CA PRO B 286 -7.91 -37.63 -12.52
C PRO B 286 -8.03 -37.78 -11.01
N GLY B 287 -9.21 -37.47 -10.47
CA GLY B 287 -9.48 -37.62 -9.06
C GLY B 287 -8.99 -36.50 -8.14
N LEU B 288 -8.24 -35.53 -8.67
CA LEU B 288 -7.68 -34.48 -7.82
C LEU B 288 -8.74 -33.45 -7.44
N VAL B 289 -9.46 -32.93 -8.43
CA VAL B 289 -10.48 -31.93 -8.18
C VAL B 289 -11.85 -32.54 -7.90
N VAL B 290 -12.45 -32.13 -6.78
CA VAL B 290 -13.78 -32.59 -6.39
C VAL B 290 -14.65 -31.41 -5.97
N ASP B 291 -15.95 -31.66 -5.82
CA ASP B 291 -16.88 -30.63 -5.41
C ASP B 291 -16.72 -30.32 -3.91
N VAL B 292 -17.07 -29.10 -3.52
CA VAL B 292 -16.89 -28.65 -2.15
C VAL B 292 -17.55 -29.53 -1.07
N LYS B 293 -18.56 -30.31 -1.44
CA LYS B 293 -19.26 -31.14 -0.46
C LYS B 293 -18.47 -32.39 -0.09
N THR B 294 -17.76 -32.94 -1.06
CA THR B 294 -16.88 -34.08 -0.83
C THR B 294 -15.85 -33.78 0.26
N LEU B 295 -15.42 -32.52 0.35
CA LEU B 295 -14.42 -32.10 1.34
C LEU B 295 -15.01 -31.96 2.74
N ASP B 296 -16.34 -31.91 2.83
CA ASP B 296 -17.00 -31.97 4.13
C ASP B 296 -16.88 -33.38 4.69
N ASP B 297 -16.67 -34.35 3.80
CA ASP B 297 -16.50 -35.73 4.20
C ASP B 297 -15.05 -36.02 4.61
N LEU B 298 -14.13 -35.23 4.07
CA LEU B 298 -12.70 -35.51 4.22
C LEU B 298 -12.10 -34.90 5.49
N PRO B 299 -11.05 -35.54 6.03
CA PRO B 299 -10.30 -34.97 7.14
C PRO B 299 -9.60 -33.68 6.72
N ASP B 300 -9.39 -32.77 7.67
CA ASP B 300 -8.80 -31.48 7.38
C ASP B 300 -7.50 -31.58 6.59
N SER B 301 -6.66 -32.55 6.94
CA SER B 301 -5.32 -32.64 6.40
C SER B 301 -5.28 -33.09 4.94
N GLU B 302 -6.44 -33.37 4.37
CA GLU B 302 -6.51 -33.84 2.98
C GLU B 302 -7.25 -32.83 2.11
N VAL B 303 -7.40 -31.61 2.62
CA VAL B 303 -8.23 -30.61 1.97
C VAL B 303 -7.46 -29.36 1.52
N VAL B 304 -7.67 -29.01 0.25
CA VAL B 304 -7.29 -27.71 -0.31
C VAL B 304 -8.50 -27.06 -0.98
N LEU B 305 -8.86 -25.86 -0.53
CA LEU B 305 -9.88 -25.04 -1.16
C LEU B 305 -9.19 -23.98 -2.00
N VAL B 306 -9.58 -23.83 -3.25
CA VAL B 306 -9.02 -22.77 -4.07
C VAL B 306 -10.13 -21.78 -4.37
N CYS B 307 -9.91 -20.51 -4.02
CA CYS B 307 -11.02 -19.57 -3.99
C CYS B 307 -10.68 -18.18 -4.47
N THR B 308 -11.74 -17.40 -4.71
CA THR B 308 -11.65 -15.99 -5.07
C THR B 308 -11.43 -15.07 -3.87
N GLY B 309 -11.10 -13.81 -4.13
CA GLY B 309 -11.10 -12.78 -3.10
C GLY B 309 -9.77 -12.25 -2.58
N SER B 310 -8.71 -12.49 -3.32
CA SER B 310 -7.36 -12.11 -2.90
C SER B 310 -7.15 -10.60 -2.79
N GLN B 311 -8.04 -9.82 -3.38
CA GLN B 311 -7.97 -8.34 -3.29
C GLN B 311 -8.93 -7.80 -2.23
N GLY B 312 -9.49 -8.69 -1.44
CA GLY B 312 -10.45 -8.27 -0.42
C GLY B 312 -11.79 -7.86 -1.01
N GLU B 313 -12.07 -8.29 -2.24
CA GLU B 313 -13.40 -8.12 -2.82
C GLU B 313 -14.46 -8.59 -1.81
N PRO B 314 -15.29 -7.66 -1.31
CA PRO B 314 -16.20 -7.93 -0.19
C PRO B 314 -17.21 -9.05 -0.45
N MET B 315 -17.58 -9.29 -1.70
CA MET B 315 -18.54 -10.35 -2.00
C MET B 315 -17.88 -11.67 -2.40
N ALA B 316 -16.55 -11.69 -2.42
CA ALA B 316 -15.83 -12.91 -2.79
C ALA B 316 -15.63 -13.82 -1.59
N ALA B 317 -15.19 -15.04 -1.86
CA ALA B 317 -15.13 -16.09 -0.84
C ALA B 317 -14.27 -15.74 0.37
N LEU B 318 -13.08 -15.19 0.13
CA LEU B 318 -12.12 -14.96 1.20
C LEU B 318 -12.64 -13.95 2.23
N SER B 319 -13.18 -12.83 1.76
CA SER B 319 -13.71 -11.80 2.65
C SER B 319 -14.86 -12.32 3.51
N ARG B 320 -15.72 -13.12 2.88
CA ARG B 320 -16.88 -13.64 3.58
C ARG B 320 -16.47 -14.70 4.60
N MET B 321 -15.40 -15.45 4.30
CA MET B 321 -14.86 -16.37 5.28
C MET B 321 -14.30 -15.60 6.46
N ALA B 322 -13.59 -14.53 6.16
CA ALA B 322 -13.00 -13.68 7.21
C ALA B 322 -14.05 -13.01 8.08
N ASN B 323 -15.17 -12.63 7.47
CA ASN B 323 -16.25 -12.00 8.23
C ASN B 323 -17.30 -13.01 8.69
N ARG B 324 -16.92 -14.28 8.73
CA ARG B 324 -17.79 -15.33 9.26
C ARG B 324 -19.13 -15.43 8.52
N ASP B 325 -19.11 -15.18 7.22
CA ASP B 325 -20.32 -15.16 6.42
C ASP B 325 -20.23 -16.13 5.25
N HIS B 326 -19.66 -17.30 5.49
CA HIS B 326 -19.44 -18.27 4.41
C HIS B 326 -19.72 -19.68 4.89
N GLN B 327 -20.09 -20.57 3.96
CA GLN B 327 -20.27 -21.99 4.28
C GLN B 327 -18.99 -22.55 4.91
N ILE B 328 -17.84 -22.11 4.40
CA ILE B 328 -16.56 -22.44 5.01
C ILE B 328 -16.33 -21.59 6.24
N ARG B 329 -16.09 -22.24 7.38
CA ARG B 329 -15.87 -21.53 8.62
C ARG B 329 -14.41 -21.67 9.06
N ILE B 330 -13.69 -20.56 9.04
CA ILE B 330 -12.27 -20.55 9.44
C ILE B 330 -12.10 -20.98 10.89
N VAL B 331 -11.17 -21.92 11.12
CA VAL B 331 -10.90 -22.39 12.47
C VAL B 331 -9.41 -22.29 12.77
N ASN B 332 -9.06 -22.41 14.04
CA ASN B 332 -7.68 -22.36 14.45
C ASN B 332 -6.90 -23.52 13.86
N GLY B 333 -5.79 -23.21 13.18
CA GLY B 333 -5.01 -24.25 12.54
C GLY B 333 -5.12 -24.21 11.03
N ASP B 334 -6.19 -23.62 10.51
CA ASP B 334 -6.33 -23.39 9.08
C ASP B 334 -5.11 -22.64 8.55
N THR B 335 -4.67 -22.99 7.35
CA THR B 335 -3.63 -22.24 6.66
C THR B 335 -4.26 -21.56 5.46
N VAL B 336 -4.10 -20.25 5.37
CA VAL B 336 -4.65 -19.50 4.26
C VAL B 336 -3.52 -18.82 3.50
N ILE B 337 -3.43 -19.09 2.19
CA ILE B 337 -2.40 -18.50 1.33
C ILE B 337 -3.02 -17.51 0.34
N LEU B 338 -2.55 -16.28 0.36
CA LEU B 338 -2.94 -15.31 -0.66
C LEU B 338 -1.89 -15.34 -1.75
N ALA B 339 -2.09 -16.18 -2.76
CA ALA B 339 -1.10 -16.37 -3.81
C ALA B 339 -1.28 -15.31 -4.89
N SER B 340 -0.98 -14.07 -4.55
CA SER B 340 -1.41 -12.95 -5.36
C SER B 340 -0.68 -11.67 -5.03
N SER B 341 -0.81 -10.70 -5.92
CA SER B 341 -0.35 -9.36 -5.63
C SER B 341 -1.32 -8.66 -4.70
N LEU B 342 -0.86 -7.53 -4.17
CA LEU B 342 -1.72 -6.57 -3.52
C LEU B 342 -1.66 -5.35 -4.41
N ILE B 343 -2.69 -5.19 -5.24
CA ILE B 343 -2.82 -4.03 -6.09
C ILE B 343 -3.01 -2.75 -5.27
N PRO B 344 -2.16 -1.74 -5.52
CA PRO B 344 -2.17 -0.46 -4.80
C PRO B 344 -3.57 0.12 -4.73
N GLY B 345 -4.01 0.51 -3.53
CA GLY B 345 -5.36 0.98 -3.33
C GLY B 345 -6.28 -0.04 -2.66
N ASN B 346 -5.90 -1.32 -2.72
CA ASN B 346 -6.69 -2.38 -2.11
C ASN B 346 -6.16 -2.77 -0.73
N GLU B 347 -5.13 -2.05 -0.28
CA GLU B 347 -4.50 -2.33 1.00
C GLU B 347 -5.47 -2.47 2.17
N ASN B 348 -6.41 -1.53 2.30
CA ASN B 348 -7.33 -1.55 3.42
C ASN B 348 -8.17 -2.82 3.41
N ALA B 349 -8.71 -3.15 2.24
CA ALA B 349 -9.55 -4.32 2.09
C ALA B 349 -8.78 -5.62 2.38
N VAL B 350 -7.60 -5.73 1.79
CA VAL B 350 -6.79 -6.94 1.99
C VAL B 350 -6.37 -7.08 3.46
N TYR B 351 -5.83 -6.02 4.03
CA TYR B 351 -5.41 -6.05 5.43
C TYR B 351 -6.59 -6.35 6.36
N ARG B 352 -7.78 -5.87 5.98
CA ARG B 352 -9.00 -6.19 6.73
C ARG B 352 -9.24 -7.70 6.71
N VAL B 353 -9.17 -8.28 5.51
CA VAL B 353 -9.32 -9.73 5.38
C VAL B 353 -8.27 -10.48 6.21
N ILE B 354 -7.01 -10.08 6.09
CA ILE B 354 -5.90 -10.73 6.80
C ILE B 354 -6.08 -10.66 8.32
N ASN B 355 -6.38 -9.47 8.83
CA ASN B 355 -6.67 -9.32 10.25
C ASN B 355 -7.83 -10.20 10.68
N GLY B 356 -8.88 -10.25 9.86
CA GLY B 356 -10.04 -11.09 10.18
C GLY B 356 -9.67 -12.56 10.31
N LEU B 357 -8.98 -13.08 9.30
CA LEU B 357 -8.53 -14.47 9.30
C LEU B 357 -7.62 -14.75 10.49
N THR B 358 -6.75 -13.80 10.80
CA THR B 358 -5.79 -13.96 11.88
C THR B 358 -6.51 -14.04 13.20
N ARG B 359 -7.55 -13.22 13.35
CA ARG B 359 -8.35 -13.20 14.56
C ARG B 359 -8.99 -14.56 14.82
N TRP B 360 -9.38 -15.27 13.76
CA TRP B 360 -10.00 -16.58 13.93
C TRP B 360 -8.97 -17.70 14.05
N GLY B 361 -7.70 -17.36 14.10
CA GLY B 361 -6.67 -18.36 14.35
C GLY B 361 -6.04 -18.97 13.13
N ALA B 362 -6.33 -18.42 11.95
CA ALA B 362 -5.69 -18.89 10.72
C ALA B 362 -4.23 -18.46 10.65
N ASN B 363 -3.39 -19.33 10.11
CA ASN B 363 -2.04 -18.96 9.73
C ASN B 363 -2.08 -18.39 8.32
N VAL B 364 -1.75 -17.11 8.17
CA VAL B 364 -1.90 -16.42 6.90
C VAL B 364 -0.55 -16.20 6.22
N VAL B 365 -0.44 -16.72 5.01
CA VAL B 365 0.76 -16.65 4.18
C VAL B 365 0.43 -15.73 3.02
N HIS B 366 1.26 -14.72 2.80
CA HIS B 366 1.01 -13.76 1.71
C HIS B 366 2.33 -13.13 1.28
N LYS B 367 2.29 -12.27 0.28
CA LYS B 367 3.52 -11.81 -0.36
C LYS B 367 4.37 -10.97 0.61
N GLY B 368 3.72 -10.42 1.62
CA GLY B 368 4.41 -9.76 2.72
C GLY B 368 5.33 -10.65 3.53
N ASN B 369 5.00 -11.93 3.70
CA ASN B 369 5.84 -12.80 4.53
C ASN B 369 6.36 -14.06 3.81
N ALA B 370 6.03 -14.22 2.54
CA ALA B 370 6.54 -15.36 1.77
C ALA B 370 6.47 -15.06 0.28
N LYS B 371 7.36 -15.68 -0.48
CA LYS B 371 7.41 -15.45 -1.93
C LYS B 371 6.42 -16.34 -2.66
N VAL B 372 5.15 -15.96 -2.62
CA VAL B 372 4.07 -16.75 -3.20
C VAL B 372 3.44 -16.04 -4.38
N HIS B 373 4.09 -14.97 -4.81
CA HIS B 373 3.65 -14.19 -5.97
C HIS B 373 4.82 -13.53 -6.71
N VAL B 374 4.72 -13.48 -8.03
CA VAL B 374 5.64 -12.70 -8.85
C VAL B 374 4.81 -11.89 -9.83
N SER B 375 5.27 -10.69 -10.14
CA SER B 375 4.58 -9.77 -11.04
C SER B 375 4.36 -10.42 -12.41
N GLY B 376 3.34 -9.95 -13.14
CA GLY B 376 3.11 -10.42 -14.50
C GLY B 376 3.74 -9.49 -15.55
N HIS B 377 4.40 -8.43 -15.10
CA HIS B 377 4.89 -7.40 -16.02
C HIS B 377 6.39 -7.22 -15.97
N ALA B 378 6.97 -6.92 -17.13
CA ALA B 378 8.40 -6.70 -17.25
C ALA B 378 8.91 -5.63 -16.31
N SER B 379 9.98 -5.96 -15.61
CA SER B 379 10.66 -4.97 -14.76
C SER B 379 11.69 -4.15 -15.58
N ALA B 380 12.39 -3.25 -14.92
CA ALA B 380 13.34 -2.35 -15.60
C ALA B 380 14.45 -3.10 -16.33
N GLY B 381 14.98 -4.15 -15.69
CA GLY B 381 16.01 -4.99 -16.31
C GLY B 381 15.54 -5.63 -17.61
N GLU B 382 14.33 -6.18 -17.54
CA GLU B 382 13.71 -6.82 -18.71
C GLU B 382 13.43 -5.80 -19.81
N LEU B 383 12.91 -4.63 -19.44
CA LEU B 383 12.62 -3.60 -20.42
C LEU B 383 13.90 -3.15 -21.12
N LEU B 384 15.03 -3.08 -20.40
CA LEU B 384 16.31 -2.75 -21.05
C LEU B 384 16.69 -3.84 -22.05
N TYR B 385 16.55 -5.11 -21.68
CA TYR B 385 16.76 -6.19 -22.67
C TYR B 385 15.87 -5.98 -23.90
N PHE B 386 14.61 -5.67 -23.63
CA PHE B 386 13.58 -5.63 -24.67
C PHE B 386 13.83 -4.48 -25.64
N TYR B 387 14.16 -3.31 -25.12
CA TYR B 387 14.49 -2.16 -25.97
C TYR B 387 15.80 -2.36 -26.71
N ASN B 388 16.76 -3.02 -26.09
CA ASN B 388 17.98 -3.35 -26.83
C ASN B 388 17.68 -4.33 -27.97
N ILE B 389 16.61 -5.13 -27.85
CA ILE B 389 16.26 -6.04 -28.95
C ILE B 389 15.47 -5.31 -30.06
N CYS B 390 14.47 -4.54 -29.64
CA CYS B 390 13.55 -3.88 -30.57
C CYS B 390 14.11 -2.66 -31.29
N ARG B 391 15.02 -1.91 -30.65
CA ARG B 391 15.56 -0.67 -31.22
C ARG B 391 14.50 0.18 -31.95
N PRO B 392 13.46 0.60 -31.23
CA PRO B 392 12.38 1.31 -31.95
C PRO B 392 12.83 2.70 -32.35
N LYS B 393 12.30 3.21 -33.46
CA LYS B 393 12.62 4.58 -33.88
C LYS B 393 11.85 5.62 -33.07
N ASN B 394 10.65 5.24 -32.62
CA ASN B 394 9.84 6.07 -31.72
C ASN B 394 9.31 5.19 -30.60
N LEU B 395 9.15 5.78 -29.41
CA LEU B 395 8.74 5.03 -28.23
C LEU B 395 7.58 5.69 -27.52
N MET B 396 6.53 4.90 -27.30
CA MET B 396 5.31 5.34 -26.66
C MET B 396 4.99 4.39 -25.48
N PRO B 397 5.41 4.80 -24.28
CA PRO B 397 5.10 4.06 -23.05
C PRO B 397 3.60 4.03 -22.87
N VAL B 398 3.11 2.89 -22.45
CA VAL B 398 1.68 2.68 -22.42
C VAL B 398 1.34 1.94 -21.12
N HIS B 399 0.05 1.84 -20.77
CA HIS B 399 -0.39 1.00 -19.65
C HIS B 399 0.28 1.39 -18.34
N GLY B 400 -0.04 2.57 -17.82
CA GLY B 400 0.62 3.04 -16.62
C GLY B 400 0.18 4.41 -16.13
N GLU B 401 0.41 4.65 -14.84
CA GLU B 401 0.31 5.99 -14.26
C GLU B 401 1.54 6.80 -14.72
N TRP B 402 1.51 8.10 -14.46
CA TRP B 402 2.58 8.99 -14.91
C TRP B 402 3.96 8.60 -14.42
N ARG B 403 4.07 8.13 -13.17
CA ARG B 403 5.37 7.71 -12.68
C ARG B 403 5.89 6.49 -13.46
N HIS B 404 4.98 5.60 -13.83
CA HIS B 404 5.33 4.42 -14.62
C HIS B 404 5.77 4.80 -16.03
N LEU B 405 4.96 5.61 -16.70
CA LEU B 405 5.25 6.04 -18.06
C LEU B 405 6.58 6.80 -18.14
N ARG B 406 6.82 7.69 -17.18
CA ARG B 406 8.07 8.46 -17.13
C ARG B 406 9.28 7.55 -16.92
N ALA B 407 9.17 6.61 -15.99
CA ALA B 407 10.27 5.68 -15.76
C ALA B 407 10.58 4.83 -17.03
N ASN B 408 9.53 4.35 -17.67
CA ASN B 408 9.66 3.56 -18.91
C ASN B 408 10.36 4.38 -20.01
N ALA B 409 9.91 5.64 -20.15
CA ALA B 409 10.53 6.57 -21.07
C ALA B 409 12.04 6.72 -20.81
N GLU B 410 12.43 6.84 -19.54
CA GLU B 410 13.85 6.95 -19.19
C GLU B 410 14.63 5.68 -19.56
N LEU B 411 14.04 4.50 -19.36
CA LEU B 411 14.70 3.25 -19.80
C LEU B 411 14.97 3.27 -21.32
N GLY B 412 13.94 3.69 -22.05
CA GLY B 412 14.06 3.79 -23.50
C GLY B 412 15.22 4.71 -23.87
N ALA B 413 15.27 5.88 -23.24
CA ALA B 413 16.35 6.83 -23.54
C ALA B 413 17.72 6.24 -23.19
N LEU B 414 17.80 5.51 -22.09
CA LEU B 414 19.07 4.87 -21.72
C LEU B 414 19.56 3.93 -22.81
N THR B 415 18.65 3.27 -23.53
CA THR B 415 19.13 2.36 -24.58
C THR B 415 19.40 3.08 -25.91
N GLY B 416 19.17 4.38 -25.95
CA GLY B 416 19.50 5.15 -27.14
C GLY B 416 18.36 5.64 -28.00
N VAL B 417 17.11 5.51 -27.55
CA VAL B 417 16.01 6.15 -28.27
C VAL B 417 16.13 7.64 -28.02
N PRO B 418 16.14 8.46 -29.09
CA PRO B 418 16.32 9.91 -28.89
C PRO B 418 15.14 10.53 -28.15
N HIS B 419 15.43 11.44 -27.23
CA HIS B 419 14.40 12.05 -26.39
C HIS B 419 13.24 12.66 -27.18
N ASP B 420 13.53 13.25 -28.33
CA ASP B 420 12.49 13.83 -29.16
C ASP B 420 11.65 12.76 -29.88
N ARG B 421 12.03 11.49 -29.74
CA ARG B 421 11.29 10.38 -30.36
C ARG B 421 10.51 9.59 -29.31
N ILE B 422 10.51 10.09 -28.08
CA ILE B 422 9.80 9.45 -27.00
C ILE B 422 8.59 10.28 -26.68
N VAL B 423 7.41 9.73 -26.92
CA VAL B 423 6.21 10.50 -26.70
C VAL B 423 5.42 9.92 -25.52
N ILE B 424 5.17 10.76 -24.53
CA ILE B 424 4.33 10.36 -23.41
C ILE B 424 2.94 10.97 -23.58
N ALA B 425 1.96 10.12 -23.86
CA ALA B 425 0.61 10.57 -24.05
C ALA B 425 -0.22 10.42 -22.77
N GLU B 426 -1.44 10.95 -22.82
CA GLU B 426 -2.46 10.71 -21.80
C GLU B 426 -3.71 10.29 -22.57
N ASP B 427 -4.71 9.76 -21.86
CA ASP B 427 -5.97 9.38 -22.48
C ASP B 427 -6.53 10.51 -23.36
N GLY B 428 -6.86 10.17 -24.61
CA GLY B 428 -7.37 11.15 -25.55
C GLY B 428 -6.35 11.84 -26.44
N VAL B 429 -5.07 11.74 -26.09
CA VAL B 429 -4.07 12.46 -26.87
C VAL B 429 -3.85 11.73 -28.19
N VAL B 430 -3.81 12.47 -29.28
CA VAL B 430 -3.60 11.81 -30.56
C VAL B 430 -2.23 12.14 -31.14
N VAL B 431 -1.58 11.04 -31.52
CA VAL B 431 -0.22 10.98 -31.99
C VAL B 431 -0.19 10.56 -33.44
N ASP B 432 0.48 11.33 -34.29
CA ASP B 432 0.59 10.95 -35.70
C ASP B 432 1.99 10.46 -36.01
N LEU B 433 2.04 9.37 -36.75
CA LEU B 433 3.25 8.83 -37.30
C LEU B 433 3.24 9.17 -38.78
N VAL B 434 3.90 10.26 -39.13
CA VAL B 434 4.02 10.66 -40.53
C VAL B 434 5.51 10.80 -40.83
N GLU B 435 5.92 10.33 -42.00
CA GLU B 435 7.34 10.32 -42.39
C GLU B 435 8.23 9.62 -41.35
N GLY B 436 7.71 8.56 -40.74
CA GLY B 436 8.48 7.78 -39.77
C GLY B 436 8.74 8.44 -38.44
N LYS B 437 8.07 9.57 -38.18
CA LYS B 437 8.29 10.31 -36.95
C LYS B 437 6.98 10.49 -36.19
N ALA B 438 7.01 10.22 -34.89
CA ALA B 438 5.83 10.31 -34.03
C ALA B 438 5.73 11.65 -33.32
N LYS B 439 4.62 12.35 -33.53
CA LYS B 439 4.41 13.64 -32.87
C LYS B 439 3.00 13.74 -32.29
N ILE B 440 2.90 14.39 -31.14
CA ILE B 440 1.60 14.70 -30.56
C ILE B 440 0.94 15.75 -31.44
N THR B 441 -0.28 15.46 -31.85
CA THR B 441 -0.90 16.20 -32.92
C THR B 441 -2.24 16.76 -32.48
N GLY B 442 -2.80 16.18 -31.42
CA GLY B 442 -4.01 16.77 -30.88
C GLY B 442 -4.60 16.05 -29.69
N LYS B 443 -5.91 16.24 -29.49
CA LYS B 443 -6.61 15.67 -28.35
C LYS B 443 -8.09 15.48 -28.66
N VAL B 444 -8.63 14.30 -28.32
CA VAL B 444 -10.07 14.07 -28.38
C VAL B 444 -10.63 13.81 -26.99
N GLN B 445 -11.96 13.76 -26.90
CA GLN B 445 -12.65 13.57 -25.63
C GLN B 445 -12.36 12.18 -25.05
N ALA B 446 -12.01 12.11 -23.78
CA ALA B 446 -11.63 10.85 -23.17
C ALA B 446 -11.86 10.79 -21.66
N GLY B 447 -13.04 11.23 -21.22
CA GLY B 447 -13.38 11.17 -19.80
C GLY B 447 -13.82 9.78 -19.36
N TYR B 448 -14.05 9.64 -18.06
CA TYR B 448 -14.62 8.40 -17.50
C TYR B 448 -16.03 8.17 -18.01
N VAL B 449 -16.38 6.93 -18.33
CA VAL B 449 -17.80 6.63 -18.54
C VAL B 449 -18.28 5.57 -17.54
N TYR B 450 -19.46 5.74 -16.96
CA TYR B 450 -19.92 4.79 -15.94
C TYR B 450 -21.05 3.88 -16.42
N VAL B 451 -21.04 2.63 -15.99
CA VAL B 451 -22.13 1.72 -16.35
C VAL B 451 -22.69 0.89 -15.19
N ASP B 452 -23.88 0.33 -15.43
CA ASP B 452 -24.66 -0.41 -14.43
C ASP B 452 -25.00 0.46 -13.24
#